data_5E1I
#
_entry.id   5E1I
#
_cell.length_a   61.183
_cell.length_b   93.957
_cell.length_c   75.391
_cell.angle_alpha   90.00
_cell.angle_beta   93.04
_cell.angle_gamma   90.00
#
_symmetry.space_group_name_H-M   'P 1 21 1'
#
loop_
_entity.id
_entity.type
_entity.pdbx_description
1 polymer 'L,D-transpeptidase 2'
2 non-polymer 'SODIUM ION'
3 non-polymer '(2S,3R,4R)-2-[(2S,3R)-3-hydroxy-1-oxobutan-2-yl]-3-methyl-4-(methylsulfanyl)-3,4-dihydro-2H-pyrrole-5-carboxylic acid'
4 non-polymer GLYCEROL
5 water water
#
_entity_poly.entity_id   1
_entity_poly.type   'polypeptide(L)'
_entity_poly.pdbx_seq_one_letter_code
;GHMAPIKVIADKGTPFADLLVPKLTASVTDGAVGVTVDAPVSVTAADGVLAAVTMVNDNGRPVAGRLSPDGLRWSTTEQL
GYNRRYTLNATALGLGGAATRQLTFQTSSPAHLTMPYVMPGDGEVVGVGEPVAIRFDENIADRGAAEKAIKITTNPPVEG
AFYWLNNREVRWRPEHFWKPGTAVDVAVNTYGVDLGEGMFGEDNVQTHFTIGDEVIATADDNTKILTVRVNGEVVKSMPT
SMGKDSTPTANGIYIVGSRYKHIIMDSSTYGVPVNSPNGYRTDVDWATQISYSGVFVHSAPWSVGAQGHTNTSHGCLNVS
PSNAQWFYDHVKRGDIVEVVNTVGGTLPGIDGLGDWNIPWDQWRAGNAKA
;
_entity_poly.pdbx_strand_id   A,B
#
loop_
_chem_comp.id
_chem_comp.type
_chem_comp.name
_chem_comp.formula
6B8 non-polymer '(2S,3R,4R)-2-[(2S,3R)-3-hydroxy-1-oxobutan-2-yl]-3-methyl-4-(methylsulfanyl)-3,4-dihydro-2H-pyrrole-5-carboxylic acid' 'C11 H17 N O4 S'
GOL non-polymer GLYCEROL 'C3 H8 O3'
NA non-polymer 'SODIUM ION' 'Na 1'
#
# COMPACT_ATOMS: atom_id res chain seq x y z
N LEU A 19 -0.52 2.15 -54.07
CA LEU A 19 -1.23 1.66 -52.89
C LEU A 19 -0.47 1.95 -51.61
N LEU A 20 -1.19 2.43 -50.60
CA LEU A 20 -0.61 2.84 -49.34
C LEU A 20 -0.60 1.71 -48.30
N VAL A 21 0.48 1.66 -47.53
CA VAL A 21 0.61 0.73 -46.43
C VAL A 21 -0.19 1.27 -45.25
N PRO A 22 -0.94 0.39 -44.55
CA PRO A 22 -1.74 0.86 -43.42
C PRO A 22 -0.88 1.56 -42.36
N LYS A 23 -1.41 2.59 -41.72
CA LYS A 23 -0.69 3.26 -40.63
C LYS A 23 -1.38 3.00 -39.28
N LEU A 24 -0.59 2.70 -38.27
CA LEU A 24 -1.07 2.56 -36.91
C LEU A 24 -0.74 3.80 -36.07
N THR A 25 -1.73 4.31 -35.33
CA THR A 25 -1.48 5.39 -34.38
C THR A 25 -2.07 5.04 -33.01
N ALA A 26 -1.27 5.19 -31.95
CA ALA A 26 -1.73 4.85 -30.61
C ALA A 26 -1.78 6.09 -29.73
N SER A 27 -2.56 6.03 -28.66
CA SER A 27 -2.67 7.19 -27.76
C SER A 27 -1.49 7.26 -26.78
N VAL A 28 -0.63 6.26 -26.80
CA VAL A 28 0.55 6.20 -25.95
C VAL A 28 1.75 5.97 -26.84
N THR A 29 2.95 6.24 -26.36
CA THR A 29 4.13 5.89 -27.16
C THR A 29 4.93 4.78 -26.50
N ASP A 30 5.58 3.96 -27.32
CA ASP A 30 6.45 2.92 -26.84
C ASP A 30 7.51 3.50 -25.94
N GLY A 31 7.73 2.86 -24.79
CA GLY A 31 8.72 3.32 -23.84
C GLY A 31 8.30 4.46 -22.93
N ALA A 32 7.05 4.92 -23.04
CA ALA A 32 6.59 6.03 -22.18
C ALA A 32 6.44 5.60 -20.72
N VAL A 33 6.63 6.55 -19.81
CA VAL A 33 6.50 6.30 -18.38
C VAL A 33 5.59 7.41 -17.81
N GLY A 34 4.93 7.17 -16.69
CA GLY A 34 4.00 8.14 -16.13
C GLY A 34 2.75 8.37 -16.97
N VAL A 35 2.38 7.38 -17.76
CA VAL A 35 1.15 7.44 -18.54
C VAL A 35 -0.08 7.55 -17.60
N THR A 36 -0.87 8.61 -17.77
CA THR A 36 -1.97 8.80 -16.83
C THR A 36 -3.15 7.90 -17.17
N VAL A 37 -3.88 7.59 -16.13
CA VAL A 37 -4.83 6.51 -16.12
C VAL A 37 -6.26 7.11 -15.94
N ASP A 38 -6.34 8.43 -16.17
CA ASP A 38 -7.62 9.14 -16.22
C ASP A 38 -8.29 9.05 -17.60
N ALA A 39 -7.63 8.44 -18.58
CA ALA A 39 -8.27 8.29 -19.89
C ALA A 39 -7.98 6.90 -20.47
N PRO A 40 -8.84 6.43 -21.38
CA PRO A 40 -8.58 5.14 -22.02
C PRO A 40 -7.37 5.17 -22.95
N VAL A 41 -6.83 3.99 -23.23
CA VAL A 41 -5.78 3.84 -24.22
C VAL A 41 -6.43 3.40 -25.53
N SER A 42 -6.09 4.07 -26.62
CA SER A 42 -6.67 3.73 -27.91
C SER A 42 -5.62 3.53 -29.00
N VAL A 43 -6.07 2.90 -30.09
CA VAL A 43 -5.26 2.68 -31.29
C VAL A 43 -6.16 2.93 -32.49
N THR A 44 -5.64 3.64 -33.48
CA THR A 44 -6.37 3.92 -34.71
C THR A 44 -5.58 3.47 -35.94
N ALA A 45 -6.28 2.89 -36.90
CA ALA A 45 -5.68 2.51 -38.18
C ALA A 45 -6.05 3.53 -39.25
N ALA A 46 -5.15 3.78 -40.19
CA ALA A 46 -5.43 4.60 -41.35
C ALA A 46 -5.03 3.81 -42.59
N ASP A 47 -5.73 4.03 -43.71
CA ASP A 47 -5.53 3.28 -44.96
C ASP A 47 -5.53 1.77 -44.72
N GLY A 48 -6.51 1.32 -43.95
CA GLY A 48 -6.59 -0.06 -43.53
C GLY A 48 -7.48 -0.12 -42.31
N VAL A 49 -7.61 -1.31 -41.72
CA VAL A 49 -8.45 -1.50 -40.56
C VAL A 49 -7.70 -2.33 -39.52
N LEU A 50 -8.15 -2.27 -38.28
CA LEU A 50 -7.53 -3.05 -37.20
C LEU A 50 -7.98 -4.52 -37.20
N ALA A 51 -7.03 -5.41 -37.45
CA ALA A 51 -7.30 -6.85 -37.55
C ALA A 51 -7.02 -7.58 -36.24
N ALA A 52 -6.17 -6.98 -35.42
CA ALA A 52 -5.86 -7.54 -34.11
C ALA A 52 -5.33 -6.46 -33.18
N VAL A 53 -5.93 -6.37 -32.00
CA VAL A 53 -5.43 -5.50 -30.96
C VAL A 53 -5.53 -6.22 -29.63
N THR A 54 -4.41 -6.36 -28.94
CA THR A 54 -4.41 -6.88 -27.56
C THR A 54 -3.57 -5.99 -26.68
N MET A 55 -4.00 -5.86 -25.42
CA MET A 55 -3.23 -5.14 -24.44
C MET A 55 -3.16 -6.01 -23.19
N VAL A 56 -1.97 -6.13 -22.64
CA VAL A 56 -1.72 -7.13 -21.64
C VAL A 56 -0.93 -6.46 -20.53
N ASN A 57 -1.19 -6.79 -19.27
CA ASN A 57 -0.35 -6.22 -18.21
C ASN A 57 0.89 -7.08 -18.00
N ASP A 58 1.73 -6.68 -17.04
CA ASP A 58 2.99 -7.35 -16.75
C ASP A 58 2.96 -8.88 -16.77
N ASN A 59 1.94 -9.47 -16.15
CA ASN A 59 1.88 -10.92 -16.06
C ASN A 59 0.84 -11.54 -17.01
N GLY A 60 0.64 -10.90 -18.16
CA GLY A 60 -0.12 -11.50 -19.24
C GLY A 60 -1.64 -11.39 -19.23
N ARG A 61 -2.22 -10.84 -18.18
CA ARG A 61 -3.68 -10.67 -18.15
C ARG A 61 -4.14 -9.65 -19.19
N PRO A 62 -5.09 -10.06 -20.05
CA PRO A 62 -5.59 -9.18 -21.10
C PRO A 62 -6.44 -8.05 -20.53
N VAL A 63 -6.35 -6.88 -21.15
CA VAL A 63 -7.14 -5.74 -20.76
C VAL A 63 -8.39 -5.74 -21.63
N ALA A 64 -9.54 -5.51 -21.00
CA ALA A 64 -10.79 -5.42 -21.74
C ALA A 64 -10.74 -4.26 -22.73
N GLY A 65 -11.14 -4.53 -23.97
CA GLY A 65 -11.21 -3.48 -24.96
C GLY A 65 -12.31 -3.71 -25.96
N ARG A 66 -12.62 -2.70 -26.77
CA ARG A 66 -13.60 -2.86 -27.83
C ARG A 66 -13.18 -2.15 -29.09
N LEU A 67 -13.43 -2.81 -30.22
CA LEU A 67 -13.12 -2.28 -31.53
C LEU A 67 -14.40 -1.67 -32.13
N SER A 68 -14.29 -0.49 -32.72
CA SER A 68 -15.43 0.13 -33.39
C SER A 68 -15.93 -0.75 -34.54
N PRO A 69 -17.22 -0.65 -34.88
CA PRO A 69 -17.78 -1.42 -36.00
C PRO A 69 -17.04 -1.22 -37.32
N ASP A 70 -16.59 0.00 -37.65
CA ASP A 70 -15.88 0.21 -38.91
C ASP A 70 -14.41 -0.27 -38.89
N GLY A 71 -14.01 -0.86 -37.77
CA GLY A 71 -12.68 -1.43 -37.62
C GLY A 71 -11.54 -0.43 -37.52
N LEU A 72 -11.87 0.85 -37.32
CA LEU A 72 -10.85 1.90 -37.36
C LEU A 72 -10.29 2.30 -35.99
N ARG A 73 -11.02 2.04 -34.91
CA ARG A 73 -10.56 2.45 -33.59
C ARG A 73 -10.83 1.41 -32.50
N TRP A 74 -9.78 1.07 -31.79
CA TRP A 74 -9.87 0.19 -30.62
C TRP A 74 -9.64 1.02 -29.38
N SER A 75 -10.36 0.72 -28.31
CA SER A 75 -10.14 1.42 -27.05
C SER A 75 -10.30 0.46 -25.88
N THR A 76 -9.52 0.68 -24.83
CA THR A 76 -9.75 -0.01 -23.56
C THR A 76 -11.12 0.40 -23.03
N THR A 77 -11.75 -0.48 -22.26
CA THR A 77 -13.12 -0.26 -21.78
C THR A 77 -13.24 -0.44 -20.27
N GLU A 78 -12.12 -0.76 -19.62
CA GLU A 78 -12.12 -0.88 -18.18
C GLU A 78 -11.07 0.03 -17.62
N GLN A 79 -11.11 0.20 -16.31
CA GLN A 79 -10.17 1.06 -15.59
C GLN A 79 -8.75 0.50 -15.67
N LEU A 80 -7.81 1.33 -16.07
CA LEU A 80 -6.43 0.88 -16.10
C LEU A 80 -5.80 1.13 -14.74
N GLY A 81 -4.84 0.30 -14.36
CA GLY A 81 -4.27 0.40 -13.03
C GLY A 81 -3.05 1.28 -12.89
N TYR A 82 -2.85 1.80 -11.69
CA TYR A 82 -1.61 2.44 -11.28
C TYR A 82 -0.48 1.40 -11.27
N ASN A 83 0.77 1.86 -11.40
CA ASN A 83 1.93 0.97 -11.33
C ASN A 83 1.81 -0.26 -12.19
N ARG A 84 1.46 -0.08 -13.46
CA ARG A 84 1.39 -1.21 -14.37
C ARG A 84 2.30 -0.95 -15.55
N ARG A 85 2.86 -2.01 -16.10
CA ARG A 85 3.53 -1.93 -17.38
C ARG A 85 2.66 -2.73 -18.35
N TYR A 86 2.11 -2.03 -19.34
CA TYR A 86 1.22 -2.66 -20.30
C TYR A 86 1.93 -2.81 -21.62
N THR A 87 1.63 -3.89 -22.33
CA THR A 87 2.12 -4.09 -23.68
C THR A 87 0.96 -4.19 -24.65
N LEU A 88 0.98 -3.28 -25.63
CA LEU A 88 -0.04 -3.21 -26.65
C LEU A 88 0.52 -3.82 -27.93
N ASN A 89 -0.23 -4.73 -28.53
CA ASN A 89 0.12 -5.29 -29.85
C ASN A 89 -1.03 -5.01 -30.81
N ALA A 90 -0.70 -4.45 -31.97
CA ALA A 90 -1.74 -4.13 -32.94
C ALA A 90 -1.31 -4.48 -34.35
N THR A 91 -2.25 -4.97 -35.15
CA THR A 91 -2.01 -5.20 -36.57
C THR A 91 -3.10 -4.52 -37.40
N ALA A 92 -2.70 -3.76 -38.41
CA ALA A 92 -3.64 -3.19 -39.37
C ALA A 92 -3.46 -3.84 -40.72
N LEU A 93 -4.57 -4.19 -41.37
CA LEU A 93 -4.57 -4.72 -42.73
C LEU A 93 -5.33 -3.79 -43.68
N GLY A 94 -4.77 -3.59 -44.87
CA GLY A 94 -5.44 -2.84 -45.90
C GLY A 94 -5.06 -3.43 -47.25
N LEU A 95 -5.63 -2.90 -48.32
CA LEU A 95 -5.29 -3.35 -49.67
C LEU A 95 -3.79 -3.30 -49.92
N GLY A 96 -3.14 -2.24 -49.43
CA GLY A 96 -1.73 -2.03 -49.65
C GLY A 96 -0.80 -2.83 -48.75
N GLY A 97 -1.35 -3.69 -47.89
CA GLY A 97 -0.52 -4.58 -47.12
C GLY A 97 -0.84 -4.61 -45.64
N ALA A 98 0.19 -4.75 -44.82
CA ALA A 98 0.00 -4.89 -43.38
C ALA A 98 0.98 -4.04 -42.59
N ALA A 99 0.60 -3.73 -41.36
CA ALA A 99 1.49 -3.01 -40.45
C ALA A 99 1.26 -3.55 -39.06
N THR A 100 2.32 -3.81 -38.33
CA THR A 100 2.16 -4.31 -36.97
C THR A 100 3.13 -3.58 -36.04
N ARG A 101 2.66 -3.25 -34.85
CA ARG A 101 3.47 -2.52 -33.88
C ARG A 101 3.31 -3.13 -32.50
N GLN A 102 4.36 -2.99 -31.69
CA GLN A 102 4.31 -3.40 -30.29
C GLN A 102 4.84 -2.24 -29.45
N LEU A 103 4.06 -1.87 -28.45
CA LEU A 103 4.36 -0.73 -27.58
C LEU A 103 4.24 -1.17 -26.14
N THR A 104 5.21 -0.77 -25.32
CA THR A 104 5.17 -1.05 -23.89
C THR A 104 5.34 0.26 -23.17
N PHE A 105 4.50 0.49 -22.16
CA PHE A 105 4.53 1.74 -21.41
C PHE A 105 4.14 1.49 -19.97
N GLN A 106 4.51 2.40 -19.09
CA GLN A 106 4.21 2.30 -17.66
C GLN A 106 3.28 3.43 -17.23
N THR A 107 2.30 3.09 -16.39
CA THR A 107 1.37 4.08 -15.90
C THR A 107 1.91 4.79 -14.66
N SER A 108 1.21 5.85 -14.23
CA SER A 108 1.55 6.61 -13.03
C SER A 108 1.83 5.74 -11.82
N SER A 109 2.85 6.08 -11.07
CA SER A 109 3.13 5.39 -9.83
C SER A 109 2.92 6.34 -8.63
N PRO A 110 1.72 6.29 -8.00
CA PRO A 110 1.45 7.27 -6.94
C PRO A 110 2.21 7.00 -5.65
N ALA A 111 2.63 8.07 -4.97
CA ALA A 111 3.18 7.94 -3.64
C ALA A 111 2.04 7.69 -2.65
N HIS A 112 0.86 8.20 -2.98
CA HIS A 112 -0.32 8.09 -2.12
C HIS A 112 -1.61 8.14 -2.93
N LEU A 113 -2.67 7.53 -2.39
CA LEU A 113 -4.01 7.66 -2.95
C LEU A 113 -4.92 8.46 -2.02
N THR A 114 -5.80 9.29 -2.58
CA THR A 114 -6.84 9.91 -1.76
C THR A 114 -8.25 9.67 -2.36
N MET A 115 -9.18 9.32 -1.48
CA MET A 115 -10.58 9.11 -1.83
C MET A 115 -11.42 10.35 -1.53
N PRO A 116 -12.17 10.82 -2.52
CA PRO A 116 -13.11 11.91 -2.27
C PRO A 116 -14.43 11.38 -1.73
N TYR A 117 -15.08 12.18 -0.91
CA TYR A 117 -16.42 11.89 -0.41
C TYR A 117 -17.30 13.09 -0.71
N VAL A 118 -18.47 12.86 -1.33
CA VAL A 118 -19.30 13.99 -1.76
C VAL A 118 -20.60 14.10 -0.98
N MET A 119 -20.97 15.34 -0.65
CA MET A 119 -22.28 15.64 -0.10
C MET A 119 -22.93 16.73 -0.98
N PRO A 120 -24.28 16.76 -1.05
CA PRO A 120 -25.20 15.83 -0.40
C PRO A 120 -25.36 14.49 -1.14
N GLY A 121 -26.22 13.64 -0.58
CA GLY A 121 -26.46 12.30 -1.09
C GLY A 121 -27.05 12.24 -2.49
N ASP A 122 -26.77 11.15 -3.19
CA ASP A 122 -27.25 10.95 -4.56
C ASP A 122 -28.76 10.80 -4.58
N GLY A 123 -29.42 11.58 -5.42
CA GLY A 123 -30.86 11.55 -5.53
C GLY A 123 -31.58 12.30 -4.41
N GLU A 124 -30.84 13.00 -3.57
CA GLU A 124 -31.49 13.74 -2.48
C GLU A 124 -32.13 15.02 -2.99
N VAL A 125 -33.18 15.46 -2.27
CA VAL A 125 -33.73 16.78 -2.43
C VAL A 125 -33.30 17.61 -1.22
N VAL A 126 -32.67 18.75 -1.46
CA VAL A 126 -32.13 19.60 -0.39
C VAL A 126 -32.60 21.05 -0.49
N GLY A 127 -32.32 21.84 0.54
CA GLY A 127 -32.73 23.22 0.57
C GLY A 127 -31.85 24.14 -0.28
N VAL A 128 -32.27 25.40 -0.38
CA VAL A 128 -31.65 26.35 -1.30
C VAL A 128 -30.27 26.83 -0.82
N GLY A 129 -29.88 26.42 0.38
CA GLY A 129 -28.59 26.80 0.92
C GLY A 129 -27.50 25.74 0.80
N GLU A 130 -27.81 24.60 0.18
CA GLU A 130 -26.87 23.47 0.20
C GLU A 130 -25.69 23.64 -0.79
N PRO A 131 -24.46 23.72 -0.28
CA PRO A 131 -23.36 23.75 -1.24
C PRO A 131 -23.00 22.35 -1.71
N VAL A 132 -22.37 22.24 -2.87
CA VAL A 132 -21.72 21.01 -3.26
C VAL A 132 -20.50 20.86 -2.35
N ALA A 133 -20.30 19.69 -1.78
CA ALA A 133 -19.18 19.47 -0.89
C ALA A 133 -18.37 18.26 -1.30
N ILE A 134 -17.07 18.47 -1.53
CA ILE A 134 -16.17 17.37 -1.83
C ILE A 134 -15.07 17.34 -0.77
N ARG A 135 -15.07 16.29 0.04
CA ARG A 135 -14.08 16.10 1.09
C ARG A 135 -13.14 14.95 0.75
N PHE A 136 -11.84 15.25 0.65
CA PHE A 136 -10.80 14.23 0.43
C PHE A 136 -10.31 13.69 1.76
N ASP A 137 -9.82 12.45 1.76
CA ASP A 137 -9.38 11.86 3.03
C ASP A 137 -7.89 12.11 3.29
N GLU A 138 -7.29 12.98 2.48
CA GLU A 138 -5.91 13.43 2.67
C GLU A 138 -5.82 14.90 2.32
N ASN A 139 -4.78 15.59 2.79
CA ASN A 139 -4.57 16.97 2.40
C ASN A 139 -4.25 17.04 0.92
N ILE A 140 -4.77 18.06 0.26
CA ILE A 140 -4.55 18.21 -1.18
C ILE A 140 -3.51 19.29 -1.46
N ALA A 141 -2.40 18.91 -2.10
CA ALA A 141 -1.32 19.85 -2.33
C ALA A 141 -1.60 20.75 -3.52
N ASP A 142 -2.29 20.22 -4.53
CA ASP A 142 -2.58 21.01 -5.71
C ASP A 142 -4.10 21.20 -5.83
N ARG A 143 -4.64 22.19 -5.12
CA ARG A 143 -6.08 22.47 -5.10
C ARG A 143 -6.62 22.76 -6.50
N GLY A 144 -5.82 23.43 -7.33
CA GLY A 144 -6.24 23.71 -8.69
C GLY A 144 -6.53 22.47 -9.51
N ALA A 145 -5.67 21.46 -9.36
CA ALA A 145 -5.84 20.19 -10.05
C ALA A 145 -7.11 19.48 -9.58
N ALA A 146 -7.41 19.57 -8.28
CA ALA A 146 -8.66 19.01 -7.78
C ALA A 146 -9.88 19.72 -8.39
N GLU A 147 -9.90 21.04 -8.34
CA GLU A 147 -11.02 21.81 -8.87
C GLU A 147 -11.26 21.51 -10.34
N LYS A 148 -10.17 21.46 -11.09
CA LYS A 148 -10.20 21.16 -12.51
C LYS A 148 -10.80 19.79 -12.79
N ALA A 149 -10.60 18.83 -11.89
CA ALA A 149 -11.10 17.47 -12.06
C ALA A 149 -12.57 17.32 -11.62
N ILE A 150 -13.16 18.39 -11.08
CA ILE A 150 -14.56 18.32 -10.61
C ILE A 150 -15.51 19.05 -11.56
N LYS A 151 -16.42 18.30 -12.15
CA LYS A 151 -17.32 18.82 -13.17
C LYS A 151 -18.72 19.02 -12.62
N ILE A 152 -19.15 20.27 -12.48
CA ILE A 152 -20.48 20.60 -11.96
C ILE A 152 -21.41 21.02 -13.07
N THR A 153 -22.55 20.35 -13.18
CA THR A 153 -23.58 20.76 -14.12
C THR A 153 -24.77 21.28 -13.32
N THR A 154 -25.33 22.40 -13.75
CA THR A 154 -26.55 22.92 -13.12
C THR A 154 -27.59 23.17 -14.19
N ASN A 155 -28.85 22.93 -13.82
CA ASN A 155 -29.97 23.17 -14.72
C ASN A 155 -31.19 23.65 -13.94
N PRO A 156 -31.59 24.91 -14.13
CA PRO A 156 -31.02 25.91 -15.07
C PRO A 156 -29.60 26.31 -14.69
N PRO A 157 -28.75 26.58 -15.70
CA PRO A 157 -27.34 26.88 -15.45
C PRO A 157 -27.18 28.10 -14.58
N VAL A 158 -26.27 28.04 -13.63
CA VAL A 158 -26.00 29.22 -12.81
C VAL A 158 -24.51 29.31 -12.50
N GLU A 159 -23.99 30.54 -12.46
CA GLU A 159 -22.60 30.77 -12.09
C GLU A 159 -22.33 30.29 -10.68
N GLY A 160 -21.21 29.60 -10.48
CA GLY A 160 -20.80 29.22 -9.15
C GLY A 160 -19.29 29.15 -9.08
N ALA A 161 -18.78 28.81 -7.92
CA ALA A 161 -17.33 28.83 -7.76
C ALA A 161 -16.88 27.94 -6.60
N PHE A 162 -15.62 27.49 -6.66
CA PHE A 162 -15.01 26.66 -5.60
C PHE A 162 -14.36 27.51 -4.52
N TYR A 163 -14.42 27.02 -3.28
CA TYR A 163 -13.74 27.64 -2.14
C TYR A 163 -13.39 26.58 -1.12
N TRP A 164 -12.15 26.59 -0.62
CA TRP A 164 -11.70 25.55 0.32
C TRP A 164 -11.94 25.96 1.76
N LEU A 165 -12.58 25.07 2.53
CA LEU A 165 -12.85 25.30 3.95
C LEU A 165 -11.65 24.92 4.80
N ASN A 166 -10.83 24.03 4.27
CA ASN A 166 -9.61 23.55 4.91
C ASN A 166 -8.80 22.76 3.88
N ASN A 167 -7.77 22.05 4.30
CA ASN A 167 -6.89 21.40 3.33
C ASN A 167 -7.48 20.16 2.64
N ARG A 168 -8.67 19.74 3.08
CA ARG A 168 -9.24 18.49 2.59
C ARG A 168 -10.62 18.65 1.95
N GLU A 169 -11.31 19.74 2.25
CA GLU A 169 -12.68 19.86 1.80
C GLU A 169 -12.91 21.13 0.97
N VAL A 170 -13.44 20.95 -0.23
CA VAL A 170 -13.73 22.11 -1.06
C VAL A 170 -15.25 22.20 -1.25
N ARG A 171 -15.76 23.41 -1.42
CA ARG A 171 -17.19 23.66 -1.56
C ARG A 171 -17.42 24.41 -2.85
N TRP A 172 -18.59 24.20 -3.46
CA TRP A 172 -19.00 24.94 -4.66
C TRP A 172 -20.42 25.45 -4.44
N ARG A 173 -20.65 26.74 -4.71
CA ARG A 173 -22.01 27.27 -4.62
C ARG A 173 -22.16 28.47 -5.53
N PRO A 174 -23.42 28.87 -5.81
CA PRO A 174 -23.67 30.12 -6.54
C PRO A 174 -23.53 31.34 -5.65
N GLU A 175 -23.70 32.51 -6.27
CA GLU A 175 -23.70 33.80 -5.57
C GLU A 175 -24.83 33.89 -4.56
N HIS A 176 -26.02 33.52 -5.00
CA HIS A 176 -27.20 33.58 -4.14
C HIS A 176 -27.74 32.18 -3.93
N PHE A 177 -28.68 32.05 -2.99
CA PHE A 177 -29.34 30.79 -2.71
C PHE A 177 -29.84 30.18 -4.01
N TRP A 178 -29.77 28.86 -4.12
CA TRP A 178 -30.28 28.16 -5.30
C TRP A 178 -31.74 28.46 -5.56
N LYS A 179 -32.10 28.45 -6.83
CA LYS A 179 -33.49 28.51 -7.20
C LYS A 179 -34.11 27.13 -7.05
N PRO A 180 -35.27 27.05 -6.37
CA PRO A 180 -36.01 25.79 -6.30
C PRO A 180 -36.16 25.13 -7.68
N GLY A 181 -36.06 23.81 -7.72
CA GLY A 181 -36.26 23.06 -8.96
C GLY A 181 -34.98 22.86 -9.77
N THR A 182 -33.86 23.34 -9.24
CA THR A 182 -32.59 23.22 -9.93
C THR A 182 -32.00 21.83 -9.79
N ALA A 183 -31.56 21.24 -10.90
CA ALA A 183 -30.83 19.99 -10.88
C ALA A 183 -29.35 20.28 -10.74
N VAL A 184 -28.67 19.53 -9.89
CA VAL A 184 -27.23 19.70 -9.73
C VAL A 184 -26.53 18.35 -9.87
N ASP A 185 -25.57 18.29 -10.79
CA ASP A 185 -24.84 17.06 -11.05
C ASP A 185 -23.35 17.27 -10.77
N VAL A 186 -22.75 16.34 -10.02
CA VAL A 186 -21.38 16.51 -9.57
C VAL A 186 -20.57 15.28 -9.96
N ALA A 187 -19.62 15.46 -10.88
CA ALA A 187 -18.74 14.37 -11.28
C ALA A 187 -17.33 14.68 -10.79
N VAL A 188 -16.84 13.88 -9.85
CA VAL A 188 -15.51 14.11 -9.31
C VAL A 188 -14.57 13.12 -9.99
N ASN A 189 -13.88 13.60 -11.02
CA ASN A 189 -13.12 12.73 -11.91
C ASN A 189 -11.66 12.75 -11.53
N THR A 190 -11.38 12.20 -10.37
CA THR A 190 -10.06 12.29 -9.78
C THR A 190 -9.20 11.05 -10.02
N TYR A 191 -9.79 9.98 -10.52
CA TYR A 191 -8.99 8.78 -10.79
C TYR A 191 -7.98 9.06 -11.90
N GLY A 192 -6.72 8.73 -11.65
CA GLY A 192 -5.65 9.00 -12.60
C GLY A 192 -5.12 10.42 -12.55
N VAL A 193 -5.70 11.25 -11.68
CA VAL A 193 -5.28 12.65 -11.63
C VAL A 193 -4.26 12.87 -10.52
N ASP A 194 -3.17 13.54 -10.88
CA ASP A 194 -2.13 13.90 -9.92
C ASP A 194 -2.61 15.12 -9.14
N LEU A 195 -2.80 14.94 -7.84
CA LEU A 195 -3.33 16.01 -7.02
C LEU A 195 -2.22 16.68 -6.22
N GLY A 196 -0.98 16.54 -6.70
CA GLY A 196 0.16 17.20 -6.09
C GLY A 196 0.98 16.29 -5.18
N GLU A 197 2.30 16.45 -5.21
CA GLU A 197 3.21 15.65 -4.39
C GLU A 197 2.98 14.14 -4.47
N GLY A 198 2.73 13.63 -5.68
CA GLY A 198 2.61 12.19 -5.88
C GLY A 198 1.31 11.61 -5.37
N MET A 199 0.36 12.48 -5.03
CA MET A 199 -0.94 12.07 -4.54
C MET A 199 -1.92 11.94 -5.71
N PHE A 200 -2.54 10.77 -5.84
CA PHE A 200 -3.46 10.53 -6.93
C PHE A 200 -4.83 10.10 -6.41
N GLY A 201 -5.87 10.38 -7.19
CA GLY A 201 -7.22 9.99 -6.81
C GLY A 201 -7.39 8.48 -6.73
N GLU A 202 -8.03 8.00 -5.67
CA GLU A 202 -8.25 6.56 -5.51
C GLU A 202 -9.33 6.06 -6.45
N ASP A 203 -10.31 6.91 -6.75
CA ASP A 203 -11.42 6.55 -7.65
C ASP A 203 -12.19 7.80 -8.03
N ASN A 204 -13.13 7.66 -8.95
CA ASN A 204 -14.05 8.75 -9.27
C ASN A 204 -15.28 8.61 -8.39
N VAL A 205 -16.01 9.70 -8.20
CA VAL A 205 -17.27 9.61 -7.49
C VAL A 205 -18.24 10.55 -8.21
N GLN A 206 -19.53 10.24 -8.09
CA GLN A 206 -20.54 11.00 -8.77
C GLN A 206 -21.75 11.14 -7.84
N THR A 207 -22.45 12.26 -7.93
CA THR A 207 -23.69 12.42 -7.20
C THR A 207 -24.55 13.40 -7.96
N HIS A 208 -25.84 13.33 -7.71
CA HIS A 208 -26.80 14.21 -8.34
C HIS A 208 -27.85 14.57 -7.28
N PHE A 209 -28.26 15.83 -7.23
CA PHE A 209 -29.29 16.19 -6.28
C PHE A 209 -30.13 17.31 -6.86
N THR A 210 -31.21 17.64 -6.16
CA THR A 210 -32.15 18.60 -6.66
C THR A 210 -32.52 19.57 -5.54
N ILE A 211 -32.71 20.84 -5.89
CA ILE A 211 -33.09 21.85 -4.93
C ILE A 211 -34.62 21.89 -4.76
N GLY A 212 -35.09 21.83 -3.51
CA GLY A 212 -36.52 21.86 -3.21
C GLY A 212 -37.06 23.24 -2.85
N ASP A 213 -38.14 23.28 -2.06
CA ASP A 213 -38.72 24.54 -1.60
C ASP A 213 -37.72 25.43 -0.89
N GLU A 214 -37.92 26.74 -1.01
CA GLU A 214 -37.17 27.73 -0.26
C GLU A 214 -37.70 27.77 1.17
N VAL A 215 -36.87 27.32 2.11
CA VAL A 215 -37.22 27.33 3.52
C VAL A 215 -36.16 28.12 4.27
N ILE A 216 -36.55 29.26 4.80
CA ILE A 216 -35.65 30.15 5.54
C ILE A 216 -36.28 30.47 6.89
N ALA A 217 -35.58 30.11 7.96
CA ALA A 217 -36.02 30.36 9.31
C ALA A 217 -35.18 31.47 9.92
N THR A 218 -35.81 32.51 10.42
CA THR A 218 -35.07 33.64 10.99
C THR A 218 -35.26 33.75 12.51
N ALA A 219 -34.14 33.77 13.24
CA ALA A 219 -34.21 33.96 14.69
C ALA A 219 -33.77 35.40 15.01
N ASP A 220 -34.71 36.19 15.49
CA ASP A 220 -34.46 37.60 15.76
C ASP A 220 -34.33 37.79 17.27
N ASP A 221 -33.16 38.22 17.70
CA ASP A 221 -32.90 38.33 19.14
C ASP A 221 -33.75 39.42 19.79
N ASN A 222 -34.27 40.35 18.98
CA ASN A 222 -35.15 41.40 19.47
C ASN A 222 -36.55 40.90 19.83
N THR A 223 -36.93 39.75 19.29
CA THR A 223 -38.27 39.21 19.55
C THR A 223 -38.21 37.83 20.21
N LYS A 224 -37.03 37.22 20.14
CA LYS A 224 -36.80 35.84 20.59
C LYS A 224 -37.80 34.86 19.97
N ILE A 225 -38.10 35.09 18.70
CA ILE A 225 -38.94 34.20 17.90
C ILE A 225 -38.15 33.63 16.71
N LEU A 226 -38.28 32.33 16.49
CA LEU A 226 -37.75 31.69 15.30
C LEU A 226 -38.89 31.51 14.28
N THR A 227 -38.89 32.34 13.24
CA THR A 227 -39.97 32.33 12.26
C THR A 227 -39.62 31.53 11.00
N VAL A 228 -40.40 30.50 10.69
CA VAL A 228 -40.12 29.67 9.52
C VAL A 228 -40.96 30.11 8.32
N ARG A 229 -40.27 30.53 7.25
CA ARG A 229 -40.90 30.90 6.00
C ARG A 229 -40.63 29.87 4.89
N VAL A 230 -41.72 29.44 4.25
CA VAL A 230 -41.63 28.54 3.13
C VAL A 230 -42.08 29.31 1.90
N ASN A 231 -41.17 29.41 0.93
CA ASN A 231 -41.37 30.21 -0.26
C ASN A 231 -41.99 31.56 0.06
N GLY A 232 -41.50 32.18 1.13
CA GLY A 232 -41.87 33.54 1.46
C GLY A 232 -43.01 33.66 2.46
N GLU A 233 -43.74 32.58 2.70
CA GLU A 233 -44.89 32.62 3.62
C GLU A 233 -44.54 32.12 5.01
N VAL A 234 -45.00 32.82 6.05
CA VAL A 234 -44.81 32.34 7.41
C VAL A 234 -45.67 31.10 7.68
N VAL A 235 -45.06 30.00 8.09
CA VAL A 235 -45.84 28.82 8.43
C VAL A 235 -45.69 28.42 9.89
N LYS A 236 -44.73 29.02 10.59
CA LYS A 236 -44.45 28.66 11.98
C LYS A 236 -43.72 29.76 12.70
N SER A 237 -44.09 30.01 13.96
CA SER A 237 -43.42 31.03 14.76
C SER A 237 -43.09 30.45 16.12
N MET A 238 -41.82 30.18 16.36
CA MET A 238 -41.40 29.41 17.53
C MET A 238 -40.72 30.29 18.58
N PRO A 239 -41.29 30.39 19.79
CA PRO A 239 -40.54 31.08 20.84
C PRO A 239 -39.20 30.39 21.04
N THR A 240 -38.12 31.15 21.19
CA THR A 240 -36.85 30.50 21.37
C THR A 240 -36.02 31.16 22.48
N SER A 241 -35.08 30.41 23.01
CA SER A 241 -34.10 30.95 23.94
C SER A 241 -32.75 30.65 23.36
N MET A 242 -32.03 31.68 22.96
CA MET A 242 -30.72 31.46 22.37
C MET A 242 -29.63 31.63 23.42
N GLY A 243 -28.40 31.87 22.95
CA GLY A 243 -27.24 31.90 23.82
C GLY A 243 -27.26 33.05 24.78
N LYS A 244 -27.03 32.76 26.06
CA LYS A 244 -26.88 33.80 27.08
C LYS A 244 -25.71 34.70 26.72
N ASP A 245 -25.73 35.92 27.23
CA ASP A 245 -24.78 36.98 26.85
C ASP A 245 -23.32 36.57 26.92
N SER A 246 -23.01 35.64 27.81
CA SER A 246 -21.65 35.16 27.99
C SER A 246 -21.26 34.17 26.91
N THR A 247 -22.25 33.42 26.41
CA THR A 247 -22.03 32.50 25.31
C THR A 247 -23.11 32.69 24.24
N PRO A 248 -23.11 33.84 23.55
CA PRO A 248 -24.20 34.21 22.66
C PRO A 248 -24.24 33.38 21.38
N THR A 249 -25.38 33.40 20.71
CA THR A 249 -25.49 32.79 19.39
C THR A 249 -24.95 33.77 18.39
N ALA A 250 -24.03 33.31 17.54
CA ALA A 250 -23.47 34.15 16.51
C ALA A 250 -24.56 34.56 15.54
N ASN A 251 -24.50 35.81 15.07
CA ASN A 251 -25.36 36.24 13.98
C ASN A 251 -24.92 35.60 12.68
N GLY A 252 -25.82 35.53 11.72
CA GLY A 252 -25.42 35.10 10.39
C GLY A 252 -26.31 34.05 9.74
N ILE A 253 -25.82 33.51 8.63
CA ILE A 253 -26.56 32.52 7.86
C ILE A 253 -26.02 31.15 8.20
N TYR A 254 -26.89 30.28 8.69
CA TYR A 254 -26.48 28.91 8.96
C TYR A 254 -27.13 27.97 7.95
N ILE A 255 -26.40 26.96 7.50
CA ILE A 255 -27.02 25.93 6.66
C ILE A 255 -27.46 24.73 7.50
N VAL A 256 -28.70 24.29 7.34
CA VAL A 256 -29.16 23.10 8.06
C VAL A 256 -28.41 21.84 7.61
N GLY A 257 -27.86 21.09 8.57
CA GLY A 257 -27.23 19.81 8.27
C GLY A 257 -28.09 18.62 8.69
N SER A 258 -27.56 17.75 9.54
CA SER A 258 -28.26 16.52 9.92
C SER A 258 -29.32 16.70 11.02
N ARG A 259 -30.27 15.76 11.08
CA ARG A 259 -31.35 15.80 12.06
C ARG A 259 -31.32 14.55 12.90
N TYR A 260 -31.68 14.69 14.18
CA TYR A 260 -31.64 13.57 15.10
C TYR A 260 -32.90 13.53 15.96
N LYS A 261 -33.57 12.38 16.01
CA LYS A 261 -34.69 12.19 16.94
C LYS A 261 -34.21 12.39 18.38
N HIS A 262 -32.97 11.98 18.63
CA HIS A 262 -32.31 12.26 19.89
C HIS A 262 -30.80 12.16 19.69
N ILE A 263 -30.04 12.88 20.49
CA ILE A 263 -28.61 12.87 20.37
C ILE A 263 -27.97 13.31 21.67
N ILE A 264 -26.87 12.65 22.02
CA ILE A 264 -26.07 13.05 23.16
C ILE A 264 -25.11 14.13 22.73
N MET A 265 -25.33 15.32 23.26
CA MET A 265 -24.45 16.46 23.04
C MET A 265 -23.20 16.36 23.87
N ASP A 266 -22.05 16.23 23.22
CA ASP A 266 -20.80 16.09 23.93
C ASP A 266 -19.92 17.29 23.60
N SER A 267 -19.65 18.13 24.59
CA SER A 267 -18.89 19.35 24.38
C SER A 267 -17.48 19.08 23.86
N SER A 268 -16.92 17.93 24.23
CA SER A 268 -15.58 17.58 23.78
C SER A 268 -15.52 17.40 22.27
N THR A 269 -16.63 16.97 21.67
CA THR A 269 -16.75 16.90 20.21
C THR A 269 -16.39 18.25 19.59
N TYR A 270 -16.76 19.32 20.30
CA TYR A 270 -16.50 20.68 19.84
C TYR A 270 -15.37 21.33 20.63
N GLY A 271 -14.45 20.52 21.14
CA GLY A 271 -13.22 21.01 21.76
C GLY A 271 -13.28 21.29 23.24
N VAL A 272 -14.48 21.35 23.80
CA VAL A 272 -14.66 21.72 25.21
C VAL A 272 -14.74 20.52 26.15
N PRO A 273 -13.75 20.34 27.04
CA PRO A 273 -13.74 19.24 28.01
C PRO A 273 -15.00 19.19 28.84
N VAL A 274 -15.60 18.01 28.95
CA VAL A 274 -16.87 17.88 29.65
C VAL A 274 -16.75 18.34 31.09
N ASN A 275 -15.70 17.87 31.76
CA ASN A 275 -15.50 18.18 33.16
C ASN A 275 -15.14 19.66 33.41
N SER A 276 -14.88 20.39 32.32
CA SER A 276 -14.47 21.80 32.38
C SER A 276 -15.66 22.74 32.66
N PRO A 277 -15.38 24.05 32.92
CA PRO A 277 -16.42 25.08 33.12
C PRO A 277 -17.66 25.03 32.19
N ASN A 278 -17.68 25.51 30.94
CA ASN A 278 -18.90 25.24 30.19
C ASN A 278 -18.75 24.02 29.31
N GLY A 279 -18.32 22.92 29.90
CA GLY A 279 -18.40 21.63 29.25
C GLY A 279 -19.76 21.07 29.59
N TYR A 280 -20.18 20.05 28.84
CA TYR A 280 -21.50 19.45 29.03
C TYR A 280 -21.55 18.10 28.34
N ARG A 281 -22.46 17.24 28.78
CA ARG A 281 -22.76 16.01 28.08
C ARG A 281 -24.20 15.65 28.38
N THR A 282 -25.09 16.04 27.47
CA THR A 282 -26.52 15.92 27.72
C THR A 282 -27.26 15.32 26.53
N ASP A 283 -28.22 14.45 26.83
CA ASP A 283 -29.03 13.84 25.80
C ASP A 283 -30.19 14.80 25.53
N VAL A 284 -30.48 15.09 24.26
CA VAL A 284 -31.55 16.01 23.92
C VAL A 284 -32.41 15.47 22.81
N ASP A 285 -33.65 15.94 22.75
CA ASP A 285 -34.60 15.46 21.78
C ASP A 285 -34.68 16.37 20.57
N TRP A 286 -35.04 15.78 19.43
CA TRP A 286 -35.39 16.49 18.21
C TRP A 286 -34.37 17.58 17.91
N ALA A 287 -33.17 17.16 17.54
CA ALA A 287 -32.09 18.12 17.34
C ALA A 287 -31.72 18.25 15.86
N THR A 288 -31.78 19.47 15.36
CA THR A 288 -31.36 19.78 14.00
C THR A 288 -30.05 20.58 14.04
N GLN A 289 -28.98 20.01 13.50
CA GLN A 289 -27.68 20.71 13.52
C GLN A 289 -27.63 21.86 12.52
N ILE A 290 -27.13 23.02 12.94
CA ILE A 290 -26.98 24.12 11.99
C ILE A 290 -25.58 24.73 12.00
N SER A 291 -24.66 24.23 12.84
CA SER A 291 -23.25 24.53 12.59
C SER A 291 -22.34 23.39 13.06
N TYR A 292 -21.15 23.32 12.49
CA TYR A 292 -20.16 22.33 12.90
C TYR A 292 -19.69 22.64 14.31
N SER A 293 -19.69 23.92 14.66
CA SER A 293 -19.29 24.37 15.99
C SER A 293 -20.28 23.97 17.08
N GLY A 294 -21.36 23.29 16.71
CA GLY A 294 -22.28 22.73 17.70
C GLY A 294 -23.61 23.44 17.95
N VAL A 295 -23.99 24.37 17.09
CA VAL A 295 -25.28 25.03 17.26
C VAL A 295 -26.36 24.11 16.69
N PHE A 296 -27.38 23.84 17.53
CA PHE A 296 -28.54 23.04 17.15
C PHE A 296 -29.84 23.78 17.45
N VAL A 297 -30.87 23.48 16.66
CA VAL A 297 -32.25 23.71 17.07
C VAL A 297 -32.68 22.43 17.75
N HIS A 298 -33.16 22.48 18.99
CA HIS A 298 -33.55 21.25 19.67
C HIS A 298 -34.59 21.46 20.78
N SER A 299 -35.12 20.35 21.27
CA SER A 299 -36.10 20.39 22.37
C SER A 299 -35.44 20.79 23.69
N ALA A 300 -36.05 21.76 24.37
CA ALA A 300 -35.56 22.22 25.65
C ALA A 300 -36.73 22.43 26.61
N PRO A 301 -37.28 21.34 27.14
CA PRO A 301 -38.42 21.46 28.07
C PRO A 301 -38.06 22.27 29.32
N TRP A 302 -36.77 22.33 29.67
CA TRP A 302 -36.36 23.02 30.89
C TRP A 302 -36.44 24.52 30.77
N SER A 303 -36.49 25.05 29.54
CA SER A 303 -36.46 26.50 29.37
C SER A 303 -37.68 27.05 28.65
N VAL A 304 -38.76 26.27 28.61
CA VAL A 304 -39.97 26.73 27.92
C VAL A 304 -40.46 28.04 28.53
N GLY A 305 -40.20 28.25 29.81
CA GLY A 305 -40.53 29.52 30.43
C GLY A 305 -39.74 30.68 29.87
N ALA A 306 -38.49 30.44 29.52
CA ALA A 306 -37.59 31.50 29.04
C ALA A 306 -37.76 31.75 27.54
N GLN A 307 -38.17 30.72 26.81
CA GLN A 307 -38.32 30.81 25.36
C GLN A 307 -39.29 31.92 24.96
N GLY A 308 -38.80 32.84 24.14
CA GLY A 308 -39.56 34.01 23.77
C GLY A 308 -39.32 35.21 24.69
N HIS A 309 -38.47 35.06 25.70
CA HIS A 309 -38.28 36.15 26.67
C HIS A 309 -36.83 36.50 26.96
N THR A 310 -36.08 35.51 27.42
CA THR A 310 -34.67 35.73 27.73
C THR A 310 -33.80 34.62 27.15
N ASN A 311 -32.57 34.96 26.78
CA ASN A 311 -31.60 33.96 26.35
C ASN A 311 -30.99 33.23 27.53
N THR A 312 -30.94 31.89 27.45
CA THR A 312 -30.41 31.09 28.53
C THR A 312 -29.48 29.94 28.12
N SER A 313 -29.24 29.75 26.82
CA SER A 313 -28.50 28.56 26.37
C SER A 313 -27.01 28.79 26.20
N HIS A 314 -26.30 27.72 25.83
CA HIS A 314 -24.89 27.75 25.46
C HIS A 314 -24.64 28.27 24.03
N GLY A 315 -25.71 28.59 23.31
CA GLY A 315 -25.59 29.04 21.94
C GLY A 315 -26.65 28.41 21.05
N CYS A 316 -27.13 27.24 21.48
CA CYS A 316 -28.20 26.54 20.79
C CYS A 316 -29.49 27.35 20.72
N LEU A 317 -30.38 26.92 19.82
CA LEU A 317 -31.68 27.54 19.71
C LEU A 317 -32.68 26.64 20.42
N ASN A 318 -32.86 26.92 21.71
CA ASN A 318 -33.83 26.22 22.53
C ASN A 318 -35.25 26.50 22.05
N VAL A 319 -36.02 25.48 21.74
CA VAL A 319 -37.45 25.67 21.51
C VAL A 319 -38.24 24.58 22.23
N SER A 320 -39.56 24.66 22.16
CA SER A 320 -40.40 23.67 22.83
C SER A 320 -40.27 22.30 22.16
N PRO A 321 -40.55 21.23 22.92
CA PRO A 321 -40.57 19.86 22.41
C PRO A 321 -41.39 19.70 21.13
N SER A 322 -42.58 20.29 21.06
CA SER A 322 -43.38 20.16 19.85
C SER A 322 -42.80 20.99 18.70
N ASN A 323 -42.26 22.17 19.00
CA ASN A 323 -41.64 22.95 17.93
C ASN A 323 -40.32 22.35 17.44
N ALA A 324 -39.60 21.67 18.32
CA ALA A 324 -38.38 21.01 17.89
C ALA A 324 -38.71 19.85 16.95
N GLN A 325 -39.73 19.07 17.31
CA GLN A 325 -40.17 17.97 16.45
C GLN A 325 -40.74 18.50 15.12
N TRP A 326 -41.49 19.60 15.16
CA TRP A 326 -41.99 20.22 13.93
C TRP A 326 -40.80 20.57 13.01
N PHE A 327 -39.79 21.20 13.58
CA PHE A 327 -38.58 21.57 12.84
C PHE A 327 -37.93 20.32 12.24
N TYR A 328 -37.81 19.27 13.05
CA TYR A 328 -37.30 18.00 12.59
C TYR A 328 -38.06 17.46 11.37
N ASP A 329 -39.39 17.50 11.44
CA ASP A 329 -40.24 16.95 10.36
C ASP A 329 -40.29 17.82 9.11
N HIS A 330 -40.15 19.13 9.28
CA HIS A 330 -40.46 20.05 8.19
C HIS A 330 -39.28 20.80 7.58
N VAL A 331 -38.13 20.77 8.24
CA VAL A 331 -36.94 21.45 7.72
C VAL A 331 -35.99 20.34 7.25
N LYS A 332 -35.29 20.57 6.14
CA LYS A 332 -34.42 19.56 5.54
C LYS A 332 -32.99 20.06 5.41
N ARG A 333 -32.05 19.13 5.26
CA ARG A 333 -30.68 19.48 4.94
C ARG A 333 -30.61 20.55 3.84
N GLY A 334 -29.87 21.62 4.08
CA GLY A 334 -29.71 22.65 3.06
C GLY A 334 -30.65 23.83 3.18
N ASP A 335 -31.71 23.68 3.98
CA ASP A 335 -32.54 24.82 4.32
C ASP A 335 -31.72 25.80 5.15
N ILE A 336 -32.22 27.00 5.35
CA ILE A 336 -31.43 28.08 5.93
C ILE A 336 -31.98 28.56 7.26
N VAL A 337 -31.10 28.77 8.24
CA VAL A 337 -31.44 29.49 9.46
C VAL A 337 -30.60 30.76 9.54
N GLU A 338 -31.27 31.91 9.62
CA GLU A 338 -30.59 33.19 9.77
C GLU A 338 -30.78 33.72 11.19
N VAL A 339 -29.69 33.95 11.90
CA VAL A 339 -29.76 34.58 13.21
C VAL A 339 -29.39 36.05 13.11
N VAL A 340 -30.18 36.94 13.72
CA VAL A 340 -29.90 38.38 13.64
C VAL A 340 -30.09 39.07 15.00
N ASN A 341 -29.40 40.20 15.15
CA ASN A 341 -29.54 41.10 16.29
C ASN A 341 -29.07 40.56 17.64
N THR A 342 -28.26 39.50 17.65
CA THR A 342 -27.70 39.04 18.91
C THR A 342 -26.45 39.83 19.27
N VAL A 343 -25.93 39.59 20.47
CA VAL A 343 -24.72 40.26 20.92
C VAL A 343 -23.51 39.41 20.60
N GLY A 344 -23.68 38.44 19.71
CA GLY A 344 -22.56 37.65 19.25
C GLY A 344 -21.92 38.30 18.04
N GLY A 345 -20.86 37.68 17.53
CA GLY A 345 -20.24 38.14 16.31
C GLY A 345 -20.99 37.51 15.15
N THR A 346 -20.27 37.24 14.07
CA THR A 346 -20.84 36.56 12.91
C THR A 346 -20.28 35.15 12.85
N LEU A 347 -21.12 34.18 12.46
CA LEU A 347 -20.66 32.81 12.28
C LEU A 347 -19.50 32.78 11.28
N PRO A 348 -18.41 32.10 11.63
CA PRO A 348 -17.25 31.95 10.73
C PRO A 348 -17.64 31.38 9.36
N GLY A 349 -17.15 32.00 8.29
CA GLY A 349 -17.42 31.53 6.95
C GLY A 349 -16.99 30.10 6.72
N ILE A 350 -15.95 29.67 7.42
CA ILE A 350 -15.39 28.32 7.22
C ILE A 350 -15.78 27.35 8.33
N ASP A 351 -16.87 27.66 9.03
CA ASP A 351 -17.37 26.78 10.08
C ASP A 351 -17.58 25.35 9.63
N GLY A 352 -18.12 25.19 8.42
CA GLY A 352 -18.65 23.91 7.96
C GLY A 352 -20.08 24.06 7.46
N LEU A 353 -20.87 24.90 8.11
CA LEU A 353 -22.22 25.22 7.64
C LEU A 353 -22.40 26.74 7.55
N GLY A 354 -21.29 27.47 7.51
CA GLY A 354 -21.33 28.92 7.44
C GLY A 354 -20.90 29.55 6.11
N ASP A 355 -20.96 28.78 5.02
CA ASP A 355 -20.39 29.22 3.73
C ASP A 355 -20.98 30.53 3.19
N TRP A 356 -22.25 30.79 3.49
CA TRP A 356 -22.95 31.96 2.94
C TRP A 356 -22.51 33.26 3.64
N ASN A 357 -21.75 33.17 4.71
CA ASN A 357 -21.26 34.40 5.36
C ASN A 357 -19.97 34.95 4.73
N ILE A 358 -19.40 34.19 3.81
CA ILE A 358 -18.28 34.68 3.00
C ILE A 358 -18.80 35.54 1.85
N PRO A 359 -18.34 36.80 1.77
CA PRO A 359 -18.77 37.68 0.66
C PRO A 359 -18.49 37.06 -0.71
N TRP A 360 -19.41 37.23 -1.65
CA TRP A 360 -19.30 36.57 -2.96
C TRP A 360 -17.99 36.90 -3.67
N ASP A 361 -17.53 38.14 -3.55
CA ASP A 361 -16.27 38.54 -4.22
C ASP A 361 -15.12 37.69 -3.73
N GLN A 362 -15.08 37.44 -2.42
CA GLN A 362 -14.04 36.60 -1.84
C GLN A 362 -14.19 35.11 -2.20
N TRP A 363 -15.43 34.61 -2.14
CA TRP A 363 -15.68 33.21 -2.46
C TRP A 363 -15.31 32.95 -3.93
N ARG A 364 -15.81 33.82 -4.79
CA ARG A 364 -15.61 33.67 -6.22
C ARG A 364 -14.13 33.72 -6.59
N ALA A 365 -13.35 34.50 -5.86
CA ALA A 365 -11.91 34.60 -6.12
C ALA A 365 -11.23 33.28 -5.74
N GLY A 366 -11.81 32.59 -4.77
CA GLY A 366 -11.31 31.29 -4.36
C GLY A 366 -10.03 31.37 -3.56
N ASN A 367 -9.48 30.22 -3.22
CA ASN A 367 -8.23 30.14 -2.49
C ASN A 367 -7.43 28.89 -2.87
N ALA A 368 -7.40 28.58 -4.17
CA ALA A 368 -6.70 27.39 -4.65
C ALA A 368 -5.17 27.53 -4.61
N LYS A 369 -4.67 28.74 -4.48
CA LYS A 369 -3.22 28.96 -4.45
C LYS A 369 -2.69 29.08 -3.03
N LEU B 20 69.03 -37.93 -3.22
CA LEU B 20 67.62 -37.80 -3.61
C LEU B 20 67.35 -36.50 -4.37
N VAL B 21 66.83 -36.64 -5.60
CA VAL B 21 66.41 -35.50 -6.40
C VAL B 21 65.01 -35.04 -5.91
N PRO B 22 64.75 -33.72 -5.90
CA PRO B 22 63.45 -33.21 -5.44
C PRO B 22 62.28 -33.70 -6.28
N LYS B 23 61.11 -33.83 -5.66
CA LYS B 23 59.90 -34.22 -6.38
C LYS B 23 58.84 -33.13 -6.23
N LEU B 24 58.16 -32.82 -7.34
CA LEU B 24 57.11 -31.82 -7.36
C LEU B 24 55.72 -32.45 -7.50
N THR B 25 54.80 -32.11 -6.60
CA THR B 25 53.43 -32.60 -6.68
C THR B 25 52.45 -31.43 -6.71
N ALA B 26 51.53 -31.41 -7.68
CA ALA B 26 50.54 -30.36 -7.74
C ALA B 26 49.12 -30.87 -7.42
N SER B 27 48.19 -29.97 -7.16
CA SER B 27 46.80 -30.38 -6.88
C SER B 27 46.01 -30.55 -8.20
N VAL B 28 46.69 -30.29 -9.30
CA VAL B 28 46.14 -30.46 -10.63
C VAL B 28 47.16 -31.29 -11.38
N THR B 29 46.80 -31.88 -12.53
CA THR B 29 47.79 -32.59 -13.34
C THR B 29 47.91 -31.99 -14.74
N ASP B 30 49.02 -32.26 -15.39
CA ASP B 30 49.28 -31.71 -16.72
C ASP B 30 48.20 -32.10 -17.74
N GLY B 31 47.65 -33.30 -17.68
CA GLY B 31 46.51 -33.53 -18.56
C GLY B 31 45.26 -32.61 -18.52
N ALA B 32 45.04 -31.91 -17.41
CA ALA B 32 43.66 -31.73 -16.91
C ALA B 32 42.73 -30.76 -17.65
N VAL B 33 41.46 -31.15 -17.76
CA VAL B 33 40.40 -30.25 -18.22
C VAL B 33 39.24 -30.30 -17.23
N GLY B 34 38.35 -29.31 -17.27
CA GLY B 34 37.24 -29.25 -16.34
C GLY B 34 37.71 -29.06 -14.90
N VAL B 35 38.92 -28.53 -14.72
CA VAL B 35 39.40 -28.24 -13.38
C VAL B 35 38.50 -27.21 -12.70
N THR B 36 38.01 -27.52 -11.51
CA THR B 36 37.06 -26.61 -10.90
C THR B 36 37.79 -25.53 -10.12
N VAL B 37 37.10 -24.43 -9.97
CA VAL B 37 37.72 -23.20 -9.61
C VAL B 37 37.17 -22.80 -8.22
N ASP B 38 36.57 -23.79 -7.56
CA ASP B 38 36.06 -23.62 -6.20
C ASP B 38 37.16 -23.73 -5.15
N ALA B 39 38.37 -24.07 -5.56
CA ALA B 39 39.47 -24.25 -4.61
C ALA B 39 40.79 -23.76 -5.20
N PRO B 40 41.76 -23.44 -4.32
CA PRO B 40 43.04 -22.97 -4.81
C PRO B 40 43.85 -24.07 -5.49
N VAL B 41 44.83 -23.69 -6.30
CA VAL B 41 45.76 -24.67 -6.85
C VAL B 41 47.04 -24.61 -6.03
N SER B 42 47.56 -25.78 -5.67
CA SER B 42 48.76 -25.82 -4.84
C SER B 42 49.82 -26.76 -5.40
N VAL B 43 51.06 -26.51 -4.97
CA VAL B 43 52.22 -27.32 -5.35
C VAL B 43 53.03 -27.62 -4.10
N THR B 44 53.48 -28.86 -3.96
CA THR B 44 54.27 -29.26 -2.81
C THR B 44 55.56 -29.89 -3.30
N ALA B 45 56.66 -29.63 -2.59
CA ALA B 45 57.94 -30.27 -2.90
C ALA B 45 58.20 -31.37 -1.87
N ALA B 46 58.87 -32.45 -2.28
CA ALA B 46 59.07 -33.58 -1.37
C ALA B 46 60.47 -33.66 -0.78
N ASP B 47 61.47 -33.88 -1.62
CA ASP B 47 62.83 -34.10 -1.13
C ASP B 47 63.70 -32.87 -1.39
N GLY B 48 63.26 -31.75 -0.85
CA GLY B 48 63.85 -30.48 -1.21
C GLY B 48 62.80 -29.43 -1.03
N VAL B 49 62.97 -28.35 -1.76
CA VAL B 49 62.34 -27.11 -1.41
C VAL B 49 61.93 -26.37 -2.68
N LEU B 50 60.78 -25.69 -2.68
CA LEU B 50 60.35 -24.95 -3.87
C LEU B 50 61.16 -23.69 -4.03
N ALA B 51 61.88 -23.57 -5.15
CA ALA B 51 62.68 -22.38 -5.43
C ALA B 51 61.79 -21.33 -6.06
N ALA B 52 61.02 -21.73 -7.07
CA ALA B 52 60.15 -20.79 -7.77
C ALA B 52 58.93 -21.47 -8.33
N VAL B 53 57.80 -20.80 -8.21
CA VAL B 53 56.55 -21.25 -8.79
C VAL B 53 55.87 -20.08 -9.45
N THR B 54 55.51 -20.23 -10.72
CA THR B 54 54.70 -19.22 -11.39
C THR B 54 53.52 -19.87 -12.08
N MET B 55 52.38 -19.20 -12.05
CA MET B 55 51.21 -19.66 -12.76
C MET B 55 50.70 -18.50 -13.58
N VAL B 56 50.39 -18.77 -14.84
CA VAL B 56 50.11 -17.73 -15.79
C VAL B 56 48.88 -18.12 -16.62
N ASN B 57 47.98 -17.16 -16.90
CA ASN B 57 46.86 -17.48 -17.81
C ASN B 57 47.36 -17.46 -19.26
N ASP B 58 46.51 -17.79 -20.21
CA ASP B 58 47.00 -18.01 -21.57
C ASP B 58 47.51 -16.71 -22.22
N ASN B 59 47.26 -15.59 -21.55
CA ASN B 59 47.72 -14.28 -21.98
C ASN B 59 48.94 -13.80 -21.18
N GLY B 60 49.61 -14.73 -20.51
CA GLY B 60 50.83 -14.41 -19.79
C GLY B 60 50.67 -13.67 -18.48
N ARG B 61 49.43 -13.32 -18.14
CA ARG B 61 49.17 -12.64 -16.88
C ARG B 61 49.36 -13.61 -15.70
N PRO B 62 50.22 -13.23 -14.74
CA PRO B 62 50.50 -14.11 -13.59
C PRO B 62 49.34 -14.17 -12.62
N VAL B 63 49.23 -15.30 -11.93
CA VAL B 63 48.26 -15.48 -10.86
C VAL B 63 48.95 -15.25 -9.52
N ALA B 64 48.29 -14.55 -8.60
CA ALA B 64 48.84 -14.33 -7.28
C ALA B 64 48.96 -15.65 -6.52
N GLY B 65 50.11 -15.86 -5.91
CA GLY B 65 50.31 -17.05 -5.09
C GLY B 65 51.24 -16.75 -3.94
N ARG B 66 51.38 -17.69 -3.03
CA ARG B 66 52.24 -17.52 -1.87
C ARG B 66 52.95 -18.82 -1.53
N LEU B 67 54.27 -18.73 -1.31
CA LEU B 67 55.06 -19.84 -0.84
C LEU B 67 55.08 -19.90 0.70
N SER B 68 54.92 -21.09 1.28
CA SER B 68 54.98 -21.21 2.75
C SER B 68 56.40 -20.89 3.23
N PRO B 69 56.53 -20.39 4.47
CA PRO B 69 57.88 -19.99 4.92
C PRO B 69 58.93 -21.12 4.87
N ASP B 70 58.53 -22.39 5.04
CA ASP B 70 59.50 -23.50 5.03
C ASP B 70 59.84 -23.96 3.61
N GLY B 71 59.24 -23.30 2.63
CA GLY B 71 59.47 -23.58 1.22
C GLY B 71 58.83 -24.84 0.67
N LEU B 72 57.99 -25.51 1.44
CA LEU B 72 57.44 -26.79 0.99
C LEU B 72 56.11 -26.69 0.20
N ARG B 73 55.35 -25.63 0.41
CA ARG B 73 54.04 -25.54 -0.25
C ARG B 73 53.76 -24.17 -0.84
N TRP B 74 53.33 -24.15 -2.09
CA TRP B 74 52.90 -22.91 -2.75
C TRP B 74 51.44 -23.05 -3.10
N SER B 75 50.70 -21.94 -3.02
CA SER B 75 49.28 -21.99 -3.35
C SER B 75 48.82 -20.67 -3.96
N THR B 76 47.88 -20.75 -4.89
CA THR B 76 47.24 -19.55 -5.42
C THR B 76 46.49 -18.85 -4.27
N THR B 77 46.30 -17.54 -4.40
CA THR B 77 45.73 -16.73 -3.33
C THR B 77 44.61 -15.82 -3.84
N GLU B 78 44.35 -15.86 -5.15
CA GLU B 78 43.25 -15.10 -5.70
C GLU B 78 42.34 -16.03 -6.48
N GLN B 79 41.14 -15.55 -6.78
CA GLN B 79 40.16 -16.36 -7.48
C GLN B 79 40.63 -16.77 -8.87
N LEU B 80 40.43 -18.03 -9.22
CA LEU B 80 40.79 -18.53 -10.53
C LEU B 80 39.59 -18.43 -11.45
N GLY B 81 39.81 -18.18 -12.73
CA GLY B 81 38.73 -17.89 -13.64
C GLY B 81 38.19 -19.06 -14.43
N TYR B 82 36.89 -19.01 -14.73
CA TYR B 82 36.28 -19.94 -15.65
C TYR B 82 36.92 -19.83 -17.02
N ASN B 83 36.89 -20.91 -17.80
CA ASN B 83 37.28 -20.84 -19.19
C ASN B 83 38.70 -20.32 -19.36
N ARG B 84 39.61 -20.76 -18.49
CA ARG B 84 41.00 -20.33 -18.59
C ARG B 84 41.93 -21.50 -18.88
N ARG B 85 43.01 -21.23 -19.57
CA ARG B 85 44.08 -22.21 -19.68
C ARG B 85 45.25 -21.66 -18.87
N TYR B 86 45.58 -22.35 -17.80
CA TYR B 86 46.68 -21.91 -16.94
C TYR B 86 47.92 -22.76 -17.13
N THR B 87 49.08 -22.14 -17.08
CA THR B 87 50.34 -22.86 -17.13
C THR B 87 51.13 -22.64 -15.85
N LEU B 88 51.40 -23.74 -15.16
CA LEU B 88 52.20 -23.78 -13.94
C LEU B 88 53.66 -24.12 -14.26
N ASN B 89 54.60 -23.30 -13.80
CA ASN B 89 56.02 -23.64 -13.89
C ASN B 89 56.59 -23.65 -12.48
N ALA B 90 57.27 -24.75 -12.11
CA ALA B 90 57.80 -24.90 -10.76
C ALA B 90 59.19 -25.52 -10.78
N THR B 91 60.05 -25.04 -9.89
CA THR B 91 61.40 -25.58 -9.73
C THR B 91 61.64 -25.88 -8.26
N ALA B 92 62.13 -27.08 -7.96
CA ALA B 92 62.50 -27.41 -6.60
C ALA B 92 63.99 -27.71 -6.53
N LEU B 93 64.62 -27.36 -5.41
CA LEU B 93 66.04 -27.65 -5.22
C LEU B 93 66.23 -28.40 -3.92
N GLY B 94 67.12 -29.37 -3.94
CA GLY B 94 67.46 -30.11 -2.72
C GLY B 94 68.95 -30.44 -2.76
N LEU B 95 69.44 -31.03 -1.68
CA LEU B 95 70.83 -31.46 -1.62
C LEU B 95 71.19 -32.40 -2.75
N GLY B 96 70.21 -33.17 -3.21
CA GLY B 96 70.42 -34.12 -4.27
C GLY B 96 70.25 -33.57 -5.67
N GLY B 97 69.90 -32.29 -5.79
CA GLY B 97 69.82 -31.69 -7.11
C GLY B 97 68.60 -30.83 -7.34
N ALA B 98 68.12 -30.79 -8.58
CA ALA B 98 67.06 -29.87 -8.98
C ALA B 98 66.01 -30.63 -9.77
N ALA B 99 64.76 -30.17 -9.71
CA ALA B 99 63.70 -30.70 -10.55
C ALA B 99 62.83 -29.53 -11.01
N THR B 100 62.46 -29.53 -12.28
CA THR B 100 61.54 -28.51 -12.78
C THR B 100 60.42 -29.18 -13.54
N ARG B 101 59.24 -28.59 -13.48
CA ARG B 101 58.05 -29.10 -14.16
C ARG B 101 57.23 -28.00 -14.77
N GLN B 102 56.53 -28.34 -15.84
CA GLN B 102 55.57 -27.46 -16.46
C GLN B 102 54.29 -28.26 -16.66
N LEU B 103 53.19 -27.67 -16.20
CA LEU B 103 51.86 -28.27 -16.29
C LEU B 103 50.95 -27.25 -16.92
N THR B 104 50.05 -27.69 -17.78
CA THR B 104 49.02 -26.79 -18.27
C THR B 104 47.67 -27.49 -18.07
N PHE B 105 46.67 -26.73 -17.64
CA PHE B 105 45.35 -27.30 -17.41
C PHE B 105 44.29 -26.26 -17.77
N GLN B 106 43.07 -26.73 -18.01
CA GLN B 106 41.98 -25.83 -18.33
C GLN B 106 40.88 -25.96 -17.29
N THR B 107 40.30 -24.81 -16.92
CA THR B 107 39.27 -24.76 -15.90
C THR B 107 37.89 -24.99 -16.52
N SER B 108 36.89 -25.23 -15.67
CA SER B 108 35.50 -25.38 -16.11
C SER B 108 35.08 -24.25 -17.05
N SER B 109 34.39 -24.59 -18.13
CA SER B 109 33.77 -23.58 -18.99
C SER B 109 32.25 -23.71 -18.91
N PRO B 110 31.61 -22.88 -18.08
CA PRO B 110 30.16 -22.97 -17.86
C PRO B 110 29.34 -22.66 -19.11
N ALA B 111 28.19 -23.32 -19.27
CA ALA B 111 27.22 -22.91 -20.27
C ALA B 111 26.45 -21.70 -19.76
N HIS B 112 26.25 -21.66 -18.44
CA HIS B 112 25.47 -20.60 -17.81
C HIS B 112 26.02 -20.27 -16.42
N LEU B 113 25.88 -19.02 -16.01
CA LEU B 113 26.17 -18.65 -14.62
C LEU B 113 24.89 -18.29 -13.87
N THR B 114 24.87 -18.52 -12.56
CA THR B 114 23.75 -18.02 -11.73
C THR B 114 24.31 -17.38 -10.48
N MET B 115 23.67 -16.28 -10.09
CA MET B 115 24.05 -15.53 -8.91
C MET B 115 23.07 -15.78 -7.77
N PRO B 116 23.58 -16.16 -6.61
CA PRO B 116 22.69 -16.35 -5.46
C PRO B 116 22.47 -15.05 -4.70
N TYR B 117 21.30 -14.91 -4.10
CA TYR B 117 21.01 -13.77 -3.23
C TYR B 117 20.51 -14.32 -1.90
N VAL B 118 21.05 -13.83 -0.79
CA VAL B 118 20.73 -14.41 0.51
C VAL B 118 20.01 -13.45 1.46
N MET B 119 19.00 -13.98 2.15
CA MET B 119 18.26 -13.29 3.20
C MET B 119 18.28 -14.13 4.47
N PRO B 120 18.22 -13.50 5.65
CA PRO B 120 18.17 -12.04 5.89
C PRO B 120 19.51 -11.36 5.63
N GLY B 121 19.53 -10.04 5.69
CA GLY B 121 20.73 -9.26 5.41
C GLY B 121 21.82 -9.42 6.44
N ASP B 122 23.05 -9.14 6.01
CA ASP B 122 24.23 -9.26 6.87
C ASP B 122 24.09 -8.31 8.06
N GLY B 123 24.43 -8.80 9.24
CA GLY B 123 24.35 -8.00 10.44
C GLY B 123 22.94 -7.76 10.98
N GLU B 124 21.92 -8.28 10.30
CA GLU B 124 20.53 -8.10 10.78
C GLU B 124 20.27 -8.84 12.09
N VAL B 125 19.34 -8.32 12.88
CA VAL B 125 18.81 -9.07 14.02
C VAL B 125 17.37 -9.40 13.66
N VAL B 126 17.00 -10.67 13.77
CA VAL B 126 15.72 -11.15 13.26
C VAL B 126 15.00 -12.02 14.26
N GLY B 127 13.72 -12.27 14.00
CA GLY B 127 12.89 -13.04 14.91
C GLY B 127 13.15 -14.53 14.86
N VAL B 128 12.51 -15.27 15.77
CA VAL B 128 12.80 -16.68 15.96
C VAL B 128 12.18 -17.58 14.89
N GLY B 129 11.43 -16.99 13.97
CA GLY B 129 10.88 -17.74 12.86
C GLY B 129 11.58 -17.54 11.52
N GLU B 130 12.71 -16.81 11.52
CA GLU B 130 13.36 -16.44 10.25
C GLU B 130 14.17 -17.59 9.64
N PRO B 131 13.77 -18.03 8.45
CA PRO B 131 14.54 -19.06 7.74
C PRO B 131 15.74 -18.45 7.02
N VAL B 132 16.78 -19.24 6.82
CA VAL B 132 17.81 -18.89 5.84
C VAL B 132 17.16 -19.04 4.48
N ALA B 133 17.35 -18.04 3.62
CA ALA B 133 16.77 -18.07 2.27
C ALA B 133 17.85 -17.81 1.22
N ILE B 134 18.03 -18.75 0.31
CA ILE B 134 18.98 -18.57 -0.81
C ILE B 134 18.20 -18.58 -2.10
N ARG B 135 18.21 -17.46 -2.81
CA ARG B 135 17.47 -17.36 -4.07
C ARG B 135 18.44 -17.17 -5.24
N PHE B 136 18.37 -18.07 -6.22
CA PHE B 136 19.23 -17.99 -7.40
C PHE B 136 18.49 -17.25 -8.50
N ASP B 137 19.21 -16.60 -9.41
CA ASP B 137 18.53 -15.88 -10.48
C ASP B 137 18.27 -16.78 -11.69
N GLU B 138 18.49 -18.08 -11.49
CA GLU B 138 18.26 -19.08 -12.55
C GLU B 138 17.74 -20.40 -11.96
N ASN B 139 17.02 -21.17 -12.76
CA ASN B 139 16.56 -22.49 -12.34
C ASN B 139 17.73 -23.42 -12.03
N ILE B 140 17.68 -24.07 -10.88
CA ILE B 140 18.74 -24.98 -10.46
C ILE B 140 18.42 -26.42 -10.84
N ALA B 141 19.24 -27.02 -11.69
CA ALA B 141 18.95 -28.37 -12.16
C ALA B 141 19.43 -29.42 -11.16
N ASP B 142 20.52 -29.13 -10.45
CA ASP B 142 21.06 -30.06 -9.46
C ASP B 142 20.94 -29.44 -8.07
N ARG B 143 19.76 -29.55 -7.48
CA ARG B 143 19.48 -28.99 -6.16
C ARG B 143 20.41 -29.56 -5.12
N GLY B 144 20.74 -30.84 -5.27
CA GLY B 144 21.67 -31.51 -4.38
C GLY B 144 23.01 -30.81 -4.34
N ALA B 145 23.48 -30.37 -5.51
CA ALA B 145 24.77 -29.70 -5.59
C ALA B 145 24.72 -28.33 -4.93
N ALA B 146 23.58 -27.65 -5.06
CA ALA B 146 23.43 -26.36 -4.44
C ALA B 146 23.42 -26.48 -2.92
N GLU B 147 22.69 -27.46 -2.41
CA GLU B 147 22.58 -27.64 -0.97
C GLU B 147 23.93 -27.94 -0.34
N LYS B 148 24.69 -28.82 -0.99
CA LYS B 148 26.01 -29.22 -0.54
C LYS B 148 26.96 -28.02 -0.49
N ALA B 149 26.73 -27.04 -1.36
CA ALA B 149 27.62 -25.88 -1.49
C ALA B 149 27.29 -24.80 -0.47
N ILE B 150 26.18 -24.96 0.26
CA ILE B 150 25.75 -23.97 1.23
C ILE B 150 26.09 -24.42 2.64
N LYS B 151 27.00 -23.70 3.28
CA LYS B 151 27.49 -24.06 4.61
C LYS B 151 26.86 -23.18 5.69
N ILE B 152 25.96 -23.76 6.50
CA ILE B 152 25.34 -23.06 7.63
C ILE B 152 26.00 -23.42 8.94
N THR B 153 26.44 -22.40 9.69
CA THR B 153 26.98 -22.60 11.03
C THR B 153 26.00 -21.97 12.02
N THR B 154 25.65 -22.67 13.10
CA THR B 154 24.83 -22.09 14.15
C THR B 154 25.50 -22.16 15.53
N ASN B 155 25.26 -21.13 16.35
CA ASN B 155 25.77 -21.10 17.72
C ASN B 155 24.77 -20.44 18.67
N PRO B 156 24.17 -21.21 19.60
CA PRO B 156 24.36 -22.64 19.86
C PRO B 156 23.97 -23.52 18.68
N PRO B 157 24.76 -24.59 18.43
CA PRO B 157 24.48 -25.48 17.30
C PRO B 157 23.10 -26.10 17.37
N VAL B 158 22.40 -26.07 16.26
CA VAL B 158 21.11 -26.71 16.18
C VAL B 158 21.01 -27.40 14.82
N GLU B 159 20.25 -28.50 14.74
CA GLU B 159 20.03 -29.18 13.47
C GLU B 159 19.01 -28.42 12.62
N GLY B 160 19.21 -28.45 11.31
CA GLY B 160 18.24 -27.88 10.38
C GLY B 160 18.39 -28.56 9.03
N ALA B 161 17.59 -28.15 8.05
CA ALA B 161 17.62 -28.82 6.75
C ALA B 161 17.08 -27.93 5.64
N PHE B 162 17.39 -28.29 4.40
CA PHE B 162 16.97 -27.55 3.20
C PHE B 162 15.63 -27.98 2.65
N TYR B 163 14.88 -27.02 2.13
CA TYR B 163 13.65 -27.32 1.40
C TYR B 163 13.44 -26.25 0.36
N TRP B 164 13.11 -26.66 -0.86
CA TRP B 164 12.95 -25.76 -2.00
C TRP B 164 11.51 -25.25 -2.12
N LEU B 165 11.35 -23.93 -2.15
CA LEU B 165 10.03 -23.30 -2.36
C LEU B 165 9.61 -23.25 -3.83
N ASN B 166 10.59 -23.23 -4.72
CA ASN B 166 10.38 -23.24 -6.17
C ASN B 166 11.71 -23.61 -6.83
N ASN B 167 11.81 -23.48 -8.14
CA ASN B 167 13.02 -23.92 -8.84
C ASN B 167 14.27 -23.05 -8.57
N ARG B 168 14.08 -21.89 -7.95
CA ARG B 168 15.17 -20.94 -7.75
C ARG B 168 15.50 -20.61 -6.30
N GLU B 169 14.59 -20.93 -5.38
CA GLU B 169 14.80 -20.52 -3.98
C GLU B 169 14.76 -21.68 -3.00
N VAL B 170 15.83 -21.84 -2.22
CA VAL B 170 15.86 -22.89 -1.21
C VAL B 170 15.85 -22.26 0.17
N ARG B 171 15.20 -22.92 1.12
CA ARG B 171 15.11 -22.43 2.49
C ARG B 171 15.81 -23.40 3.43
N TRP B 172 16.38 -22.88 4.52
CA TRP B 172 16.95 -23.74 5.58
C TRP B 172 16.45 -23.28 6.94
N ARG B 173 15.92 -24.21 7.73
CA ARG B 173 15.45 -23.88 9.07
C ARG B 173 15.57 -25.07 10.02
N PRO B 174 15.52 -24.79 11.34
CA PRO B 174 15.53 -25.89 12.29
C PRO B 174 14.13 -26.48 12.45
N GLU B 175 14.01 -27.48 13.32
CA GLU B 175 12.74 -28.13 13.58
C GLU B 175 11.79 -27.21 14.34
N HIS B 176 12.32 -26.54 15.35
CA HIS B 176 11.52 -25.59 16.12
C HIS B 176 12.08 -24.20 15.93
N PHE B 177 11.28 -23.18 16.28
CA PHE B 177 11.72 -21.79 16.25
C PHE B 177 13.11 -21.63 16.86
N TRP B 178 13.90 -20.71 16.31
CA TRP B 178 15.22 -20.39 16.85
C TRP B 178 15.14 -20.02 18.31
N LYS B 179 16.19 -20.36 19.05
CA LYS B 179 16.39 -19.87 20.40
C LYS B 179 17.01 -18.48 20.31
N PRO B 180 16.48 -17.51 21.07
CA PRO B 180 17.06 -16.16 21.09
C PRO B 180 18.54 -16.19 21.41
N GLY B 181 19.30 -15.27 20.82
CA GLY B 181 20.72 -15.17 21.05
C GLY B 181 21.54 -16.14 20.21
N THR B 182 20.93 -16.74 19.21
CA THR B 182 21.63 -17.69 18.35
C THR B 182 22.29 -16.94 17.20
N ALA B 183 23.57 -17.21 16.98
CA ALA B 183 24.30 -16.67 15.83
C ALA B 183 24.13 -17.61 14.65
N VAL B 184 23.92 -17.05 13.46
CA VAL B 184 23.75 -17.85 12.26
C VAL B 184 24.67 -17.36 11.14
N ASP B 185 25.53 -18.24 10.66
CA ASP B 185 26.46 -17.90 9.58
C ASP B 185 26.12 -18.69 8.33
N VAL B 186 25.93 -17.98 7.22
CA VAL B 186 25.55 -18.59 5.95
C VAL B 186 26.64 -18.37 4.90
N ALA B 187 27.32 -19.43 4.49
CA ALA B 187 28.33 -19.32 3.44
C ALA B 187 27.87 -20.05 2.18
N VAL B 188 27.51 -19.27 1.17
CA VAL B 188 27.05 -19.84 -0.09
C VAL B 188 28.25 -19.91 -1.03
N ASN B 189 28.87 -21.08 -1.06
CA ASN B 189 30.12 -21.28 -1.77
C ASN B 189 29.87 -21.91 -3.13
N THR B 190 29.24 -21.13 -4.00
CA THR B 190 28.77 -21.64 -5.28
C THR B 190 29.76 -21.36 -6.41
N TYR B 191 30.73 -20.52 -6.14
CA TYR B 191 31.69 -20.23 -7.18
C TYR B 191 32.51 -21.49 -7.48
N GLY B 192 32.57 -21.85 -8.76
CA GLY B 192 33.30 -23.02 -9.21
C GLY B 192 32.52 -24.31 -9.09
N VAL B 193 31.30 -24.21 -8.58
CA VAL B 193 30.46 -25.39 -8.37
C VAL B 193 29.49 -25.64 -9.53
N ASP B 194 29.51 -26.85 -10.08
CA ASP B 194 28.56 -27.23 -11.13
C ASP B 194 27.16 -27.45 -10.53
N LEU B 195 26.21 -26.61 -10.90
CA LEU B 195 24.86 -26.71 -10.37
C LEU B 195 23.95 -27.48 -11.33
N GLY B 196 24.56 -28.17 -12.29
CA GLY B 196 23.81 -28.99 -13.21
C GLY B 196 23.56 -28.28 -14.52
N GLU B 197 23.58 -29.07 -15.59
CA GLU B 197 23.32 -28.58 -16.95
C GLU B 197 24.25 -27.45 -17.36
N GLY B 198 25.51 -27.55 -16.93
CA GLY B 198 26.52 -26.57 -17.32
C GLY B 198 26.38 -25.24 -16.61
N MET B 199 25.57 -25.20 -15.56
CA MET B 199 25.36 -23.98 -14.80
C MET B 199 26.30 -23.94 -13.59
N PHE B 200 27.11 -22.88 -13.49
CA PHE B 200 28.03 -22.70 -12.37
C PHE B 200 27.69 -21.41 -11.61
N GLY B 201 28.16 -21.31 -10.38
CA GLY B 201 27.92 -20.11 -9.58
C GLY B 201 28.69 -18.91 -10.10
N GLU B 202 28.04 -17.76 -10.23
CA GLU B 202 28.72 -16.53 -10.65
C GLU B 202 29.71 -16.04 -9.59
N ASP B 203 29.36 -16.24 -8.32
CA ASP B 203 30.19 -15.80 -7.21
C ASP B 203 29.76 -16.52 -5.94
N ASN B 204 30.54 -16.35 -4.88
CA ASN B 204 30.13 -16.73 -3.54
C ASN B 204 29.42 -15.56 -2.90
N VAL B 205 28.54 -15.83 -1.94
CA VAL B 205 28.01 -14.77 -1.09
C VAL B 205 28.04 -15.26 0.35
N GLN B 206 28.08 -14.30 1.28
CA GLN B 206 28.13 -14.64 2.70
C GLN B 206 27.22 -13.70 3.49
N THR B 207 26.53 -14.23 4.48
CA THR B 207 25.77 -13.38 5.38
C THR B 207 25.83 -13.95 6.79
N HIS B 208 25.60 -13.10 7.78
CA HIS B 208 25.61 -13.53 9.16
C HIS B 208 24.55 -12.72 9.88
N PHE B 209 23.74 -13.37 10.70
CA PHE B 209 22.70 -12.65 11.41
C PHE B 209 22.49 -13.26 12.77
N THR B 210 21.68 -12.59 13.59
CA THR B 210 21.49 -13.03 14.96
C THR B 210 19.99 -13.07 15.27
N ILE B 211 19.58 -14.06 16.06
CA ILE B 211 18.20 -14.15 16.52
C ILE B 211 17.95 -13.31 17.77
N GLY B 212 16.99 -12.40 17.68
CA GLY B 212 16.64 -11.49 18.78
C GLY B 212 15.58 -12.09 19.70
N ASP B 213 14.78 -11.22 20.32
CA ASP B 213 13.74 -11.68 21.25
C ASP B 213 12.71 -12.60 20.57
N GLU B 214 12.20 -13.56 21.32
CA GLU B 214 11.08 -14.37 20.85
C GLU B 214 9.81 -13.53 20.85
N VAL B 215 9.26 -13.27 19.69
CA VAL B 215 8.04 -12.48 19.58
C VAL B 215 7.02 -13.29 18.80
N ILE B 216 5.89 -13.60 19.44
CA ILE B 216 4.88 -14.45 18.84
C ILE B 216 3.52 -13.83 19.14
N ALA B 217 2.83 -13.43 18.08
CA ALA B 217 1.52 -12.82 18.18
C ALA B 217 0.49 -13.82 17.71
N THR B 218 -0.53 -14.04 18.51
CA THR B 218 -1.53 -15.04 18.16
C THR B 218 -2.89 -14.38 17.92
N ALA B 219 -3.45 -14.63 16.75
CA ALA B 219 -4.78 -14.17 16.42
C ALA B 219 -5.77 -15.33 16.55
N ASP B 220 -6.67 -15.24 17.52
CA ASP B 220 -7.69 -16.27 17.75
C ASP B 220 -9.03 -15.79 17.19
N ASP B 221 -9.55 -16.48 16.17
CA ASP B 221 -10.81 -16.09 15.58
C ASP B 221 -11.95 -16.24 16.59
N ASN B 222 -11.80 -17.15 17.55
CA ASN B 222 -12.80 -17.31 18.61
C ASN B 222 -12.93 -16.07 19.48
N THR B 223 -11.84 -15.35 19.67
CA THR B 223 -11.87 -14.16 20.53
C THR B 223 -11.75 -12.84 19.75
N LYS B 224 -11.32 -12.93 18.50
CA LYS B 224 -11.03 -11.76 17.66
C LYS B 224 -9.95 -10.86 18.31
N ILE B 225 -9.00 -11.50 18.97
CA ILE B 225 -7.93 -10.78 19.63
C ILE B 225 -6.58 -11.24 19.09
N LEU B 226 -5.73 -10.28 18.72
CA LEU B 226 -4.35 -10.54 18.38
C LEU B 226 -3.47 -10.27 19.61
N THR B 227 -3.01 -11.32 20.26
CA THR B 227 -2.18 -11.19 21.44
C THR B 227 -0.69 -11.27 21.14
N VAL B 228 0.08 -10.25 21.53
CA VAL B 228 1.53 -10.26 21.30
C VAL B 228 2.26 -10.71 22.56
N ARG B 229 3.07 -11.76 22.42
CA ARG B 229 3.89 -12.25 23.53
C ARG B 229 5.38 -12.10 23.24
N VAL B 230 6.09 -11.45 24.16
CA VAL B 230 7.51 -11.22 24.03
C VAL B 230 8.24 -12.03 25.09
N ASN B 231 9.00 -13.01 24.64
CA ASN B 231 9.64 -13.99 25.53
C ASN B 231 8.67 -14.60 26.52
N GLY B 232 7.48 -14.96 26.04
CA GLY B 232 6.49 -15.61 26.88
C GLY B 232 5.50 -14.70 27.58
N GLU B 233 5.81 -13.41 27.70
CA GLU B 233 4.96 -12.47 28.42
C GLU B 233 4.03 -11.65 27.51
N VAL B 234 2.77 -11.53 27.91
CA VAL B 234 1.80 -10.77 27.13
C VAL B 234 2.09 -9.29 27.27
N VAL B 235 2.39 -8.62 26.15
CA VAL B 235 2.68 -7.21 26.21
C VAL B 235 1.60 -6.37 25.54
N LYS B 236 0.77 -7.00 24.71
CA LYS B 236 -0.23 -6.24 23.96
C LYS B 236 -1.36 -7.18 23.55
N SER B 237 -2.59 -6.69 23.71
CA SER B 237 -3.77 -7.39 23.23
C SER B 237 -4.54 -6.47 22.30
N MET B 238 -4.63 -6.85 21.04
CA MET B 238 -5.20 -5.99 20.00
C MET B 238 -6.48 -6.55 19.43
N PRO B 239 -7.60 -5.84 19.63
CA PRO B 239 -8.83 -6.28 18.95
C PRO B 239 -8.58 -6.27 17.44
N THR B 240 -9.05 -7.30 16.75
CA THR B 240 -8.77 -7.36 15.33
C THR B 240 -10.01 -7.76 14.54
N SER B 241 -10.05 -7.33 13.29
CA SER B 241 -11.03 -7.82 12.33
C SER B 241 -10.29 -8.55 11.22
N MET B 242 -10.56 -9.84 11.08
CA MET B 242 -9.86 -10.65 10.09
C MET B 242 -10.72 -10.88 8.84
N GLY B 243 -10.35 -11.86 8.02
CA GLY B 243 -11.02 -12.07 6.76
C GLY B 243 -12.48 -12.48 6.90
N LYS B 244 -13.37 -11.77 6.21
CA LYS B 244 -14.79 -12.14 6.19
C LYS B 244 -14.93 -13.55 5.63
N ASP B 245 -16.08 -14.18 5.87
CA ASP B 245 -16.25 -15.60 5.53
C ASP B 245 -15.93 -15.95 4.08
N SER B 246 -16.27 -15.06 3.16
CA SER B 246 -16.05 -15.31 1.74
C SER B 246 -14.57 -15.14 1.36
N THR B 247 -13.83 -14.38 2.16
CA THR B 247 -12.39 -14.22 1.93
C THR B 247 -11.66 -14.38 3.27
N PRO B 248 -11.62 -15.61 3.78
CA PRO B 248 -11.16 -15.79 5.16
C PRO B 248 -9.64 -15.70 5.31
N THR B 249 -9.19 -15.41 6.53
CA THR B 249 -7.78 -15.52 6.85
C THR B 249 -7.43 -16.99 7.08
N ALA B 250 -6.41 -17.48 6.39
CA ALA B 250 -5.95 -18.85 6.59
C ALA B 250 -5.36 -19.04 7.98
N ASN B 251 -5.65 -20.19 8.60
CA ASN B 251 -4.98 -20.55 9.85
C ASN B 251 -3.54 -20.96 9.61
N GLY B 252 -2.72 -20.83 10.65
CA GLY B 252 -1.37 -21.37 10.60
C GLY B 252 -0.33 -20.38 11.04
N ILE B 253 0.92 -20.73 10.79
CA ILE B 253 2.05 -19.93 11.23
C ILE B 253 2.56 -19.06 10.11
N TYR B 254 2.62 -17.75 10.38
CA TYR B 254 3.11 -16.74 9.43
C TYR B 254 4.42 -16.14 9.89
N ILE B 255 5.35 -15.91 8.96
CA ILE B 255 6.60 -15.23 9.32
C ILE B 255 6.49 -13.75 8.96
N VAL B 256 6.86 -12.88 9.89
CA VAL B 256 6.83 -11.45 9.60
C VAL B 256 7.90 -11.12 8.56
N GLY B 257 7.48 -10.45 7.49
CA GLY B 257 8.39 -9.99 6.46
C GLY B 257 8.68 -8.52 6.62
N SER B 258 8.42 -7.74 5.58
CA SER B 258 8.74 -6.32 5.57
C SER B 258 7.69 -5.42 6.26
N ARG B 259 8.15 -4.25 6.72
CA ARG B 259 7.29 -3.26 7.38
C ARG B 259 7.22 -1.99 6.53
N TYR B 260 6.10 -1.28 6.60
CA TYR B 260 5.89 -0.08 5.80
C TYR B 260 5.16 0.98 6.60
N LYS B 261 5.70 2.19 6.66
CA LYS B 261 4.99 3.30 7.30
C LYS B 261 3.69 3.58 6.52
N HIS B 262 3.75 3.48 5.21
CA HIS B 262 2.54 3.50 4.40
C HIS B 262 2.80 2.68 3.15
N ILE B 263 1.73 2.16 2.55
CA ILE B 263 1.85 1.34 1.35
C ILE B 263 0.52 1.29 0.64
N ILE B 264 0.58 1.32 -0.70
CA ILE B 264 -0.62 1.09 -1.50
C ILE B 264 -0.79 -0.39 -1.72
N MET B 265 -1.75 -0.98 -1.01
CA MET B 265 -1.98 -2.41 -1.16
C MET B 265 -2.79 -2.67 -2.43
N ASP B 266 -2.15 -3.37 -3.36
CA ASP B 266 -2.73 -3.66 -4.67
C ASP B 266 -2.97 -5.17 -4.79
N SER B 267 -4.22 -5.57 -4.92
CA SER B 267 -4.56 -6.99 -4.98
C SER B 267 -3.91 -7.70 -6.18
N SER B 268 -3.68 -6.97 -7.27
CA SER B 268 -3.07 -7.59 -8.46
C SER B 268 -1.66 -8.08 -8.18
N THR B 269 -0.99 -7.44 -7.22
CA THR B 269 0.33 -7.89 -6.77
C THR B 269 0.26 -9.33 -6.25
N TYR B 270 -0.90 -9.72 -5.74
CA TYR B 270 -1.06 -11.05 -5.13
C TYR B 270 -1.98 -11.97 -5.93
N GLY B 271 -2.30 -11.58 -7.16
CA GLY B 271 -2.99 -12.49 -8.07
C GLY B 271 -4.44 -12.15 -8.38
N VAL B 272 -5.00 -11.22 -7.62
CA VAL B 272 -6.40 -10.84 -7.81
C VAL B 272 -6.49 -9.53 -8.58
N PRO B 273 -7.15 -9.54 -9.76
CA PRO B 273 -7.33 -8.29 -10.50
C PRO B 273 -8.11 -7.27 -9.66
N VAL B 274 -7.69 -6.01 -9.70
CA VAL B 274 -8.30 -4.97 -8.88
C VAL B 274 -9.77 -4.82 -9.21
N ASN B 275 -10.09 -4.91 -10.50
CA ASN B 275 -11.46 -4.72 -10.97
C ASN B 275 -12.36 -5.95 -10.70
N SER B 276 -11.76 -7.03 -10.19
CA SER B 276 -12.50 -8.24 -9.86
C SER B 276 -13.20 -8.11 -8.48
N PRO B 277 -14.23 -8.95 -8.20
CA PRO B 277 -15.05 -8.82 -6.99
C PRO B 277 -14.27 -8.88 -5.66
N ASN B 278 -13.15 -9.59 -5.64
CA ASN B 278 -12.31 -9.60 -4.45
C ASN B 278 -11.09 -8.70 -4.65
N GLY B 279 -11.13 -7.88 -5.70
CA GLY B 279 -10.05 -6.95 -5.99
C GLY B 279 -10.10 -5.72 -5.10
N TYR B 280 -8.95 -5.07 -4.97
CA TYR B 280 -8.85 -3.84 -4.19
C TYR B 280 -7.54 -3.12 -4.48
N ARG B 281 -7.57 -1.81 -4.23
CA ARG B 281 -6.35 -1.02 -4.23
C ARG B 281 -6.57 0.02 -3.15
N THR B 282 -5.74 -0.02 -2.12
CA THR B 282 -5.98 0.88 -1.00
C THR B 282 -4.69 1.29 -0.32
N ASP B 283 -4.62 2.58 -0.04
CA ASP B 283 -3.52 3.19 0.68
C ASP B 283 -3.74 2.94 2.16
N VAL B 284 -2.82 2.23 2.82
CA VAL B 284 -2.96 1.99 4.26
C VAL B 284 -1.70 2.34 5.02
N ASP B 285 -1.87 2.57 6.32
CA ASP B 285 -0.76 2.99 7.17
C ASP B 285 -0.23 1.82 7.98
N TRP B 286 1.02 1.92 8.39
CA TRP B 286 1.61 1.01 9.37
C TRP B 286 1.34 -0.46 9.04
N ALA B 287 1.86 -0.90 7.91
CA ALA B 287 1.54 -2.24 7.40
C ALA B 287 2.71 -3.19 7.55
N THR B 288 2.45 -4.33 8.18
CA THR B 288 3.46 -5.36 8.37
C THR B 288 3.04 -6.61 7.60
N GLN B 289 3.83 -6.99 6.59
CA GLN B 289 3.46 -8.11 5.74
C GLN B 289 3.76 -9.43 6.44
N ILE B 290 2.81 -10.37 6.38
CA ILE B 290 3.08 -11.67 6.98
C ILE B 290 2.85 -12.84 6.04
N SER B 291 2.38 -12.60 4.82
CA SER B 291 2.45 -13.65 3.79
C SER B 291 2.72 -13.05 2.41
N TYR B 292 3.31 -13.85 1.52
CA TYR B 292 3.51 -13.45 0.13
C TYR B 292 2.16 -13.35 -0.55
N SER B 293 1.19 -14.10 -0.05
CA SER B 293 -0.16 -14.08 -0.60
C SER B 293 -0.88 -12.75 -0.33
N GLY B 294 -0.25 -11.89 0.47
CA GLY B 294 -0.76 -10.54 0.68
C GLY B 294 -1.45 -10.25 2.00
N VAL B 295 -1.22 -11.10 2.99
CA VAL B 295 -1.76 -10.82 4.30
C VAL B 295 -0.87 -9.82 5.04
N PHE B 296 -1.48 -8.72 5.52
CA PHE B 296 -0.79 -7.74 6.33
C PHE B 296 -1.50 -7.56 7.68
N VAL B 297 -0.74 -7.20 8.72
CA VAL B 297 -1.29 -6.55 9.89
C VAL B 297 -1.18 -5.06 9.61
N HIS B 298 -2.27 -4.31 9.67
CA HIS B 298 -2.20 -2.90 9.32
C HIS B 298 -3.29 -2.03 9.95
N SER B 299 -3.08 -0.72 9.86
CA SER B 299 -4.06 0.24 10.37
C SER B 299 -5.35 0.23 9.58
N ALA B 300 -6.47 0.03 10.27
CA ALA B 300 -7.77 0.03 9.61
C ALA B 300 -8.77 0.91 10.36
N PRO B 301 -8.65 2.23 10.20
CA PRO B 301 -9.56 3.16 10.87
C PRO B 301 -11.02 2.89 10.51
N TRP B 302 -11.27 2.46 9.28
CA TRP B 302 -12.65 2.25 8.81
C TRP B 302 -13.39 1.08 9.48
N SER B 303 -12.68 0.20 10.16
CA SER B 303 -13.35 -0.96 10.78
C SER B 303 -13.14 -1.09 12.29
N VAL B 304 -12.77 0.00 12.97
CA VAL B 304 -12.53 -0.07 14.42
C VAL B 304 -13.75 -0.63 15.14
N GLY B 305 -14.93 -0.32 14.64
CA GLY B 305 -16.18 -0.80 15.24
C GLY B 305 -16.34 -2.30 15.15
N ALA B 306 -15.75 -2.92 14.14
CA ALA B 306 -15.89 -4.35 13.94
C ALA B 306 -14.80 -5.13 14.67
N GLN B 307 -13.66 -4.47 14.87
CA GLN B 307 -12.48 -5.14 15.43
C GLN B 307 -12.79 -5.66 16.84
N GLY B 308 -12.48 -6.92 17.07
CA GLY B 308 -12.84 -7.59 18.32
C GLY B 308 -14.22 -8.22 18.31
N HIS B 309 -14.94 -8.11 17.19
CA HIS B 309 -16.34 -8.56 17.12
C HIS B 309 -16.67 -9.39 15.89
N THR B 310 -16.42 -8.84 14.71
CA THR B 310 -16.74 -9.53 13.44
C THR B 310 -15.66 -9.32 12.38
N ASN B 311 -15.53 -10.30 11.49
CA ASN B 311 -14.53 -10.23 10.42
C ASN B 311 -15.05 -9.50 9.20
N THR B 312 -14.26 -8.56 8.68
CA THR B 312 -14.70 -7.71 7.58
C THR B 312 -13.67 -7.50 6.46
N SER B 313 -12.51 -8.15 6.52
CA SER B 313 -11.43 -7.80 5.59
C SER B 313 -11.32 -8.80 4.44
N HIS B 314 -10.33 -8.57 3.57
CA HIS B 314 -10.04 -9.48 2.48
C HIS B 314 -9.10 -10.60 2.91
N GLY B 315 -8.62 -10.52 4.15
CA GLY B 315 -7.74 -11.54 4.69
C GLY B 315 -6.74 -10.93 5.65
N CYS B 316 -6.56 -9.62 5.54
CA CYS B 316 -5.66 -8.89 6.44
C CYS B 316 -6.12 -8.93 7.89
N LEU B 317 -5.19 -8.70 8.80
CA LEU B 317 -5.52 -8.50 10.20
C LEU B 317 -5.70 -7.00 10.43
N ASN B 318 -6.96 -6.55 10.31
CA ASN B 318 -7.31 -5.17 10.60
C ASN B 318 -7.13 -4.85 12.07
N VAL B 319 -6.35 -3.83 12.41
CA VAL B 319 -6.29 -3.35 13.81
C VAL B 319 -6.37 -1.83 13.84
N SER B 320 -6.46 -1.27 15.05
CA SER B 320 -6.57 0.18 15.20
C SER B 320 -5.29 0.88 14.74
N PRO B 321 -5.39 2.15 14.33
CA PRO B 321 -4.20 2.92 13.95
C PRO B 321 -3.08 2.89 15.00
N SER B 322 -3.42 3.02 16.29
CA SER B 322 -2.38 3.00 17.31
C SER B 322 -1.74 1.61 17.47
N ASN B 323 -2.54 0.54 17.35
CA ASN B 323 -2.02 -0.81 17.49
C ASN B 323 -1.17 -1.23 16.29
N ALA B 324 -1.54 -0.76 15.10
CA ALA B 324 -0.74 -1.06 13.90
C ALA B 324 0.63 -0.41 14.00
N GLN B 325 0.63 0.86 14.42
CA GLN B 325 1.91 1.55 14.63
C GLN B 325 2.72 0.85 15.72
N TRP B 326 2.05 0.45 16.80
CA TRP B 326 2.74 -0.29 17.87
C TRP B 326 3.42 -1.54 17.29
N PHE B 327 2.67 -2.25 16.45
CA PHE B 327 3.11 -3.49 15.82
C PHE B 327 4.29 -3.18 14.90
N TYR B 328 4.13 -2.17 14.06
CA TYR B 328 5.22 -1.67 13.24
C TYR B 328 6.49 -1.41 14.07
N ASP B 329 6.31 -0.83 15.27
CA ASP B 329 7.46 -0.43 16.08
C ASP B 329 8.10 -1.59 16.81
N HIS B 330 7.31 -2.57 17.23
CA HIS B 330 7.84 -3.57 18.14
C HIS B 330 8.11 -4.91 17.48
N VAL B 331 7.61 -5.11 16.26
CA VAL B 331 7.78 -6.37 15.56
C VAL B 331 8.88 -6.24 14.50
N LYS B 332 9.69 -7.27 14.35
CA LYS B 332 10.78 -7.29 13.37
C LYS B 332 10.64 -8.48 12.42
N ARG B 333 11.34 -8.39 11.29
CA ARG B 333 11.42 -9.48 10.31
C ARG B 333 11.74 -10.79 11.02
N GLY B 334 10.94 -11.81 10.77
CA GLY B 334 11.22 -13.12 11.34
C GLY B 334 10.45 -13.42 12.60
N ASP B 335 9.79 -12.39 13.16
CA ASP B 335 8.84 -12.65 14.24
C ASP B 335 7.64 -13.44 13.70
N ILE B 336 6.83 -13.99 14.61
CA ILE B 336 5.79 -14.93 14.22
C ILE B 336 4.39 -14.41 14.51
N VAL B 337 3.49 -14.53 13.53
CA VAL B 337 2.06 -14.41 13.77
C VAL B 337 1.39 -15.77 13.55
N GLU B 338 0.63 -16.21 14.55
CA GLU B 338 -0.08 -17.47 14.44
C GLU B 338 -1.58 -17.22 14.42
N VAL B 339 -2.25 -17.78 13.43
CA VAL B 339 -3.69 -17.62 13.27
C VAL B 339 -4.36 -18.96 13.56
N VAL B 340 -5.40 -18.93 14.41
CA VAL B 340 -6.12 -20.14 14.79
C VAL B 340 -7.64 -19.96 14.77
N ASN B 341 -8.36 -21.04 14.49
CA ASN B 341 -9.83 -21.08 14.57
C ASN B 341 -10.63 -20.25 13.57
N THR B 342 -10.03 -19.86 12.45
CA THR B 342 -10.82 -19.19 11.43
C THR B 342 -11.51 -20.26 10.59
N VAL B 343 -12.44 -19.85 9.74
CA VAL B 343 -13.10 -20.77 8.81
C VAL B 343 -12.25 -21.01 7.55
N GLY B 344 -11.03 -20.48 7.54
CA GLY B 344 -10.15 -20.70 6.40
C GLY B 344 -9.46 -22.05 6.47
N GLY B 345 -8.63 -22.34 5.48
CA GLY B 345 -7.80 -23.52 5.52
C GLY B 345 -6.50 -23.22 6.23
N THR B 346 -5.42 -23.83 5.77
CA THR B 346 -4.11 -23.58 6.34
C THR B 346 -3.24 -22.88 5.30
N LEU B 347 -2.47 -21.91 5.75
CA LEU B 347 -1.54 -21.18 4.87
C LEU B 347 -0.58 -22.14 4.16
N PRO B 348 -0.48 -22.05 2.83
CA PRO B 348 0.41 -23.00 2.13
C PRO B 348 1.85 -22.94 2.65
N GLY B 349 2.49 -24.11 2.77
CA GLY B 349 3.85 -24.18 3.25
C GLY B 349 4.86 -23.49 2.33
N ILE B 350 4.52 -23.39 1.06
CA ILE B 350 5.43 -22.73 0.12
C ILE B 350 4.94 -21.34 -0.29
N ASP B 351 4.20 -20.68 0.61
CA ASP B 351 3.78 -19.29 0.39
C ASP B 351 4.97 -18.38 0.12
N GLY B 352 6.02 -18.57 0.90
CA GLY B 352 7.13 -17.63 0.94
C GLY B 352 7.37 -17.17 2.38
N LEU B 353 6.30 -17.14 3.18
CA LEU B 353 6.40 -16.84 4.60
C LEU B 353 5.62 -17.86 5.44
N GLY B 354 5.26 -18.98 4.82
CA GLY B 354 4.57 -20.05 5.52
C GLY B 354 5.37 -21.30 5.80
N ASP B 355 6.72 -21.19 5.83
CA ASP B 355 7.59 -22.39 5.91
C ASP B 355 7.26 -23.30 7.10
N TRP B 356 6.79 -22.72 8.21
CA TRP B 356 6.63 -23.48 9.44
C TRP B 356 5.37 -24.34 9.40
N ASN B 357 4.57 -24.22 8.35
CA ASN B 357 3.37 -25.05 8.22
C ASN B 357 3.67 -26.41 7.59
N ILE B 358 4.88 -26.57 7.08
CA ILE B 358 5.32 -27.86 6.58
C ILE B 358 5.84 -28.66 7.77
N PRO B 359 5.28 -29.86 8.01
CA PRO B 359 5.74 -30.64 9.17
C PRO B 359 7.21 -31.02 9.06
N TRP B 360 7.90 -31.15 10.19
CA TRP B 360 9.35 -31.29 10.18
C TRP B 360 9.84 -32.50 9.40
N ASP B 361 9.13 -33.62 9.52
CA ASP B 361 9.58 -34.84 8.85
C ASP B 361 9.56 -34.63 7.33
N GLN B 362 8.55 -33.93 6.83
CA GLN B 362 8.49 -33.60 5.41
C GLN B 362 9.58 -32.57 5.00
N TRP B 363 9.81 -31.57 5.84
CA TRP B 363 10.81 -30.55 5.54
C TRP B 363 12.20 -31.17 5.51
N ARG B 364 12.50 -31.91 6.57
CA ARG B 364 13.77 -32.61 6.73
C ARG B 364 14.07 -33.54 5.55
N ALA B 365 13.04 -34.24 5.08
CA ALA B 365 13.18 -35.13 3.95
C ALA B 365 13.59 -34.34 2.71
N GLY B 366 13.16 -33.10 2.64
CA GLY B 366 13.60 -32.24 1.55
C GLY B 366 12.96 -32.61 0.23
N ASN B 367 13.38 -31.92 -0.82
CA ASN B 367 12.83 -32.14 -2.16
C ASN B 367 13.88 -31.82 -3.18
N ALA B 368 15.12 -32.16 -2.84
CA ALA B 368 16.26 -31.96 -3.71
C ALA B 368 16.12 -32.82 -4.97
N LYS B 369 15.17 -33.77 -4.92
CA LYS B 369 14.81 -34.63 -6.05
C LYS B 369 16.04 -35.38 -6.55
NA NA C . -34.68 25.64 1.31
OXT 6B8 D . -29.54 25.10 25.68
C05 6B8 D . -28.94 24.29 26.42
O 6B8 D . -28.96 24.21 27.68
C04 6B8 D . -28.08 23.28 25.69
C09 6B8 D . -27.63 22.01 26.35
S17 6B8 D . -26.54 22.45 27.75
C18 6B8 D . -27.55 21.81 29.11
C10 6B8 D . -26.93 21.37 25.16
C11 6B8 D . -25.61 20.74 25.55
C12 6B8 D . -26.97 22.37 23.99
N1 6B8 D . -28.01 23.33 24.40
C13 6B8 D . -25.74 23.23 23.53
C02 6B8 D . -26.26 24.46 22.80
O01 6B8 D . -26.39 25.55 23.33
C14 6B8 D . -24.58 22.65 22.71
O16 6B8 D . -24.13 23.70 21.84
C15 6B8 D . -24.82 21.38 21.91
C1 GOL E . -17.81 23.24 -13.41
O1 GOL E . -17.11 22.07 -13.08
C2 GOL E . -17.11 24.38 -12.70
O2 GOL E . -15.86 24.58 -13.31
C3 GOL E . -17.87 25.69 -12.76
O3 GOL E . -17.27 26.51 -11.78
#